data_8DUZ
#
_entry.id   8DUZ
#
_cell.length_a   58.610
_cell.length_b   64.190
_cell.length_c   110.810
_cell.angle_alpha   90.000
_cell.angle_beta   97.120
_cell.angle_gamma   90.000
#
_symmetry.space_group_name_H-M   'P 1 21 1'
#
loop_
_entity.id
_entity.type
_entity.pdbx_description
1 polymer 'IgG heavy chain, Fd fragment'
2 polymer 'Ig, lambda light chain'
3 polymer 'Mimetic peptide'
4 non-polymer 'ACETATE ION'
5 non-polymer 'CHLORIDE ION'
6 non-polymer GLYCEROL
7 non-polymer 'SODIUM ION'
8 water water
#
loop_
_entity_poly.entity_id
_entity_poly.type
_entity_poly.pdbx_seq_one_letter_code
_entity_poly.pdbx_strand_id
1 'polypeptide(L)'
;EVQLQQSGPELVKPGSSVKISCKGSGYTFTDYNMEWVKQSHGKSLEWIGVINPNNRFTSYNQNFRGKATLTVDKSSSTAY
MDLRSLTSEDSAVYFCAGSRWYQYDYWGQGTTLTVSSASTKGPSVFPLAPSSKSTSGATAALGCLVKDYFPEPVTVSWNS
GALTSGVHTFPAVLQSSGLYSLSSVVTVPSSSLGTQTYICNVNHAPSNTKVDKKVEPKSCD
;
A,C
2 'polypeptide(L)'
;QVVVTQESALTTSPGETVTLTCRSSTGAVTTSNYANWVQEKPDHLFTGLIGGINNRAPGVPARFSGSLIADKAALTITGA
QTEDEAIYFCALWYSNHWVFGGGTKLTVLGQPKAAPSVTLFPPSSEELQANKATLVCLISDFYPGAVTVAWKADSSPVKA
GVETTTPSKQSNNKYAASSYLSLTPEQWKSHRSYSCQVTHEGSTVEKTVAPTECS
;
D,B
3 'polypeptide(L)' GPIPVLDENGLFAPGPC E,F
#
# COMPACT_ATOMS: atom_id res chain seq x y z
N VAL A 2 1.72 -1.98 25.28
CA VAL A 2 0.95 -0.76 25.52
C VAL A 2 0.77 0.03 24.23
N GLN A 3 -0.46 0.46 23.99
CA GLN A 3 -0.85 1.16 22.77
C GLN A 3 -1.90 2.19 23.14
N LEU A 4 -1.60 3.47 22.90
CA LEU A 4 -2.58 4.54 22.92
C LEU A 4 -2.91 4.85 21.47
N GLN A 5 -4.06 4.37 20.99
CA GLN A 5 -4.42 4.46 19.58
C GLN A 5 -5.37 5.64 19.41
N GLN A 6 -4.91 6.66 18.69
CA GLN A 6 -5.77 7.81 18.41
C GLN A 6 -6.51 7.67 17.10
N SER A 7 -7.63 8.39 17.01
CA SER A 7 -8.43 8.41 15.79
C SER A 7 -7.62 9.06 14.66
N GLY A 8 -8.08 8.88 13.43
CA GLY A 8 -7.29 9.25 12.27
C GLY A 8 -7.44 10.72 11.91
N PRO A 9 -6.73 11.12 10.85
CA PRO A 9 -6.66 12.56 10.54
C PRO A 9 -8.01 13.12 10.16
N GLU A 10 -8.16 14.42 10.36
CA GLU A 10 -9.41 15.11 10.13
C GLU A 10 -9.15 16.35 9.32
N LEU A 11 -10.00 16.59 8.32
CA LEU A 11 -10.05 17.82 7.54
C LEU A 11 -11.47 18.35 7.66
N VAL A 12 -11.61 19.55 8.24
CA VAL A 12 -12.90 20.08 8.61
C VAL A 12 -12.92 21.57 8.31
N LYS A 13 -14.10 22.10 8.17
CA LYS A 13 -14.30 23.49 7.80
C LYS A 13 -14.26 24.39 9.03
N PRO A 14 -13.82 25.63 8.86
CA PRO A 14 -13.93 26.59 9.96
C PRO A 14 -15.34 26.65 10.48
N GLY A 15 -15.46 26.75 11.79
CA GLY A 15 -16.74 26.83 12.45
C GLY A 15 -17.28 25.50 12.92
N SER A 16 -16.78 24.40 12.37
CA SER A 16 -17.26 23.09 12.75
C SER A 16 -16.65 22.66 14.09
N SER A 17 -16.89 21.40 14.45
CA SER A 17 -16.37 20.78 15.66
CA SER A 17 -16.37 20.78 15.66
C SER A 17 -15.88 19.39 15.32
N VAL A 18 -14.91 18.89 16.07
CA VAL A 18 -14.43 17.53 15.85
C VAL A 18 -14.21 16.85 17.20
N LYS A 19 -14.31 15.52 17.20
CA LYS A 19 -14.10 14.74 18.40
C LYS A 19 -13.01 13.72 18.15
N ILE A 20 -11.90 13.92 18.79
CA ILE A 20 -10.76 13.01 18.68
C ILE A 20 -10.82 11.99 19.81
N SER A 21 -10.50 10.74 19.50
CA SER A 21 -10.52 9.70 20.52
C SER A 21 -9.12 9.12 20.74
N CYS A 22 -8.95 8.54 21.91
CA CYS A 22 -7.70 7.94 22.33
C CYS A 22 -8.02 6.69 23.13
N LYS A 23 -7.77 5.53 22.55
CA LYS A 23 -8.18 4.26 23.14
C LYS A 23 -6.95 3.53 23.65
N GLY A 24 -6.97 3.19 24.94
CA GLY A 24 -5.84 2.52 25.54
C GLY A 24 -6.02 1.02 25.54
N SER A 25 -4.91 0.29 25.44
CA SER A 25 -4.91 -1.17 25.47
C SER A 25 -3.56 -1.66 25.93
N GLY A 26 -3.54 -2.85 26.51
CA GLY A 26 -2.30 -3.39 27.05
C GLY A 26 -1.89 -2.81 28.38
N TYR A 27 -2.73 -1.97 28.98
CA TYR A 27 -2.51 -1.48 30.32
C TYR A 27 -3.87 -1.29 30.97
N THR A 28 -3.86 -0.98 32.25
CA THR A 28 -5.11 -0.70 32.97
C THR A 28 -5.48 0.75 32.74
N PHE A 29 -6.49 0.96 31.88
CA PHE A 29 -6.90 2.31 31.53
C PHE A 29 -7.18 3.13 32.77
N THR A 30 -7.75 2.52 33.81
CA THR A 30 -8.13 3.31 34.97
C THR A 30 -6.98 3.56 35.94
N ASP A 31 -5.75 3.13 35.64
CA ASP A 31 -4.62 3.46 36.48
C ASP A 31 -3.94 4.77 36.09
N TYR A 32 -4.42 5.46 35.06
CA TYR A 32 -3.77 6.65 34.54
C TYR A 32 -4.77 7.77 34.26
N ASN A 33 -4.35 9.00 34.46
CA ASN A 33 -5.08 10.11 33.86
C ASN A 33 -4.81 10.13 32.36
N MET A 34 -5.69 10.77 31.59
CA MET A 34 -5.41 11.00 30.17
C MET A 34 -5.18 12.50 29.99
N GLU A 35 -3.99 12.87 29.50
CA GLU A 35 -3.67 14.25 29.24
C GLU A 35 -3.62 14.44 27.74
N TRP A 36 -3.75 15.70 27.34
CA TRP A 36 -3.85 16.06 25.95
C TRP A 36 -2.93 17.23 25.68
N VAL A 37 -2.24 17.19 24.52
CA VAL A 37 -1.21 18.14 24.16
C VAL A 37 -1.36 18.51 22.70
N LYS A 38 -1.18 19.80 22.39
CA LYS A 38 -1.23 20.32 21.03
C LYS A 38 0.18 20.59 20.54
N GLN A 39 0.51 20.06 19.38
CA GLN A 39 1.83 20.30 18.75
C GLN A 39 1.58 21.12 17.49
N SER A 40 2.10 22.36 17.51
CA SER A 40 1.94 23.32 16.44
C SER A 40 3.25 23.44 15.67
N HIS A 41 3.13 23.51 14.34
CA HIS A 41 4.27 23.69 13.45
C HIS A 41 5.20 22.47 13.44
N GLY A 42 4.77 21.35 14.01
CA GLY A 42 5.68 20.24 14.23
C GLY A 42 6.73 20.49 15.29
N LYS A 43 6.57 21.55 16.08
CA LYS A 43 7.61 21.95 17.02
C LYS A 43 7.05 22.19 18.42
N SER A 44 6.36 23.31 18.61
CA SER A 44 6.00 23.73 19.96
C SER A 44 4.90 22.85 20.55
N LEU A 45 5.01 22.58 21.85
CA LEU A 45 4.02 21.76 22.56
C LEU A 45 3.24 22.61 23.56
N GLU A 46 1.92 22.43 23.58
CA GLU A 46 1.06 23.19 24.47
C GLU A 46 0.13 22.20 25.17
N TRP A 47 0.11 22.26 26.50
CA TRP A 47 -0.77 21.38 27.26
C TRP A 47 -2.19 21.90 27.20
N ILE A 48 -3.12 21.00 26.94
CA ILE A 48 -4.54 21.34 26.86
C ILE A 48 -5.26 21.08 28.18
N GLY A 49 -5.11 19.88 28.72
CA GLY A 49 -5.83 19.52 29.92
C GLY A 49 -5.63 18.06 30.27
N VAL A 50 -6.28 17.67 31.39
CA VAL A 50 -6.21 16.29 31.86
C VAL A 50 -7.58 15.88 32.37
N ILE A 51 -7.89 14.60 32.21
CA ILE A 51 -9.07 14.02 32.85
C ILE A 51 -8.69 12.71 33.52
N ASN A 52 -9.22 12.49 34.73
CA ASN A 52 -9.09 11.23 35.44
C ASN A 52 -10.30 10.38 35.07
N PRO A 53 -10.09 9.19 34.46
CA PRO A 53 -11.23 8.40 34.00
C PRO A 53 -12.09 7.85 35.13
N ASN A 54 -11.57 7.81 36.33
CA ASN A 54 -12.34 7.20 37.41
C ASN A 54 -13.36 8.15 38.01
N ASN A 55 -13.02 9.41 38.16
CA ASN A 55 -13.90 10.38 38.79
C ASN A 55 -14.30 11.50 37.84
N ARG A 56 -13.84 11.47 36.57
CA ARG A 56 -14.13 12.53 35.61
C ARG A 56 -13.61 13.89 36.05
N PHE A 57 -12.66 13.93 36.98
CA PHE A 57 -12.05 15.19 37.35
C PHE A 57 -11.20 15.67 36.19
N THR A 58 -11.30 16.96 35.91
CA THR A 58 -10.60 17.61 34.81
C THR A 58 -9.89 18.85 35.34
N SER A 59 -8.76 19.16 34.71
CA SER A 59 -8.12 20.45 34.87
C SER A 59 -7.74 20.88 33.47
N TYR A 60 -8.02 22.14 33.12
CA TYR A 60 -7.75 22.66 31.79
C TYR A 60 -6.75 23.80 31.84
N ASN A 61 -5.94 23.88 30.80
CA ASN A 61 -5.25 25.12 30.45
C ASN A 61 -6.29 26.18 30.13
N GLN A 62 -6.25 27.31 30.86
CA GLN A 62 -7.31 28.30 30.73
C GLN A 62 -7.45 28.78 29.30
N ASN A 63 -6.38 28.67 28.51
CA ASN A 63 -6.41 29.10 27.13
C ASN A 63 -7.27 28.23 26.24
N PHE A 64 -7.64 27.03 26.71
CA PHE A 64 -8.47 26.13 25.92
C PHE A 64 -9.89 26.01 26.48
N ARG A 65 -10.23 26.80 27.50
CA ARG A 65 -11.61 26.78 28.00
C ARG A 65 -12.52 27.31 26.90
N GLY A 66 -13.59 26.57 26.60
CA GLY A 66 -14.46 26.95 25.51
C GLY A 66 -13.97 26.56 24.13
N LYS A 67 -12.75 26.02 24.04
CA LYS A 67 -12.27 25.33 22.84
C LYS A 67 -12.35 23.81 22.99
N ALA A 68 -11.80 23.27 24.07
CA ALA A 68 -11.64 21.83 24.25
C ALA A 68 -12.55 21.35 25.36
N THR A 69 -13.11 20.16 25.18
CA THR A 69 -13.90 19.52 26.23
C THR A 69 -13.42 18.09 26.33
N LEU A 70 -13.01 17.68 27.52
CA LEU A 70 -12.50 16.34 27.73
C LEU A 70 -13.57 15.46 28.35
N THR A 71 -13.74 14.26 27.81
CA THR A 71 -14.66 13.27 28.36
C THR A 71 -14.00 11.91 28.26
N VAL A 72 -14.62 10.93 28.90
CA VAL A 72 -14.09 9.58 28.93
C VAL A 72 -15.25 8.59 28.92
N ASP A 73 -15.00 7.43 28.33
CA ASP A 73 -15.86 6.25 28.47
C ASP A 73 -15.03 5.13 29.09
N LYS A 74 -15.00 5.10 30.42
CA LYS A 74 -14.35 4.02 31.17
C LYS A 74 -14.55 2.66 30.51
N SER A 75 -15.80 2.34 30.15
CA SER A 75 -16.11 0.96 29.76
C SER A 75 -15.28 0.54 28.55
N SER A 76 -15.15 1.41 27.56
CA SER A 76 -14.43 1.07 26.33
C SER A 76 -12.99 1.60 26.34
N SER A 77 -12.43 1.87 27.52
CA SER A 77 -11.05 2.35 27.66
C SER A 77 -10.71 3.42 26.66
N THR A 78 -11.60 4.40 26.52
CA THR A 78 -11.40 5.46 25.53
C THR A 78 -11.60 6.81 26.17
N ALA A 79 -10.69 7.72 25.85
CA ALA A 79 -10.83 9.11 26.21
C ALA A 79 -11.07 9.94 24.95
N TYR A 80 -11.81 11.04 25.12
CA TYR A 80 -12.22 11.85 24.01
C TYR A 80 -11.86 13.31 24.24
N MET A 81 -11.52 13.99 23.15
CA MET A 81 -11.39 15.44 23.18
C MET A 81 -12.19 16.05 22.05
N ASP A 82 -13.13 16.93 22.39
CA ASP A 82 -13.96 17.60 21.40
C ASP A 82 -13.41 19.02 21.30
N LEU A 83 -13.11 19.43 20.06
CA LEU A 83 -12.67 20.80 19.77
C LEU A 83 -13.74 21.51 18.96
N ARG A 84 -14.15 22.69 19.41
CA ARG A 84 -15.32 23.36 18.86
C ARG A 84 -14.94 24.70 18.25
N SER A 85 -15.88 25.28 17.50
CA SER A 85 -15.73 26.59 16.89
C SER A 85 -14.37 26.71 16.22
N LEU A 86 -14.08 25.71 15.39
CA LEU A 86 -12.74 25.52 14.86
C LEU A 86 -12.34 26.64 13.91
N THR A 87 -11.07 27.04 14.01
CA THR A 87 -10.44 27.98 13.09
C THR A 87 -9.11 27.39 12.64
N SER A 88 -8.45 28.09 11.72
CA SER A 88 -7.18 27.58 11.21
C SER A 88 -6.10 27.57 12.29
N GLU A 89 -6.26 28.38 13.36
CA GLU A 89 -5.31 28.31 14.47
C GLU A 89 -5.40 26.97 15.19
N ASP A 90 -6.49 26.23 15.02
CA ASP A 90 -6.62 24.90 15.62
C ASP A 90 -5.94 23.80 14.83
N SER A 91 -5.46 24.08 13.61
CA SER A 91 -4.77 23.06 12.84
C SER A 91 -3.49 22.70 13.58
N ALA A 92 -3.30 21.40 13.83
CA ALA A 92 -2.17 20.96 14.64
C ALA A 92 -2.16 19.45 14.69
N VAL A 93 -1.17 18.86 15.34
CA VAL A 93 -1.20 17.43 15.67
C VAL A 93 -1.48 17.35 17.16
N TYR A 94 -2.49 16.58 17.55
CA TYR A 94 -2.93 16.48 18.95
C TYR A 94 -2.52 15.11 19.49
N PHE A 95 -1.99 15.09 20.72
CA PHE A 95 -1.50 13.89 21.36
C PHE A 95 -2.27 13.66 22.67
N CYS A 96 -2.58 12.40 22.95
CA CYS A 96 -3.00 11.98 24.27
C CYS A 96 -1.82 11.32 24.94
N ALA A 97 -1.80 11.36 26.26
CA ALA A 97 -0.76 10.70 27.03
C ALA A 97 -1.36 10.23 28.35
N GLY A 98 -0.85 9.11 28.83
CA GLY A 98 -1.28 8.57 30.12
C GLY A 98 -0.30 8.99 31.19
N SER A 99 -0.84 9.49 32.32
CA SER A 99 -0.01 9.99 33.39
C SER A 99 -0.46 9.44 34.75
N ARG A 100 0.49 9.40 35.67
CA ARG A 100 0.17 9.28 37.09
C ARG A 100 1.39 9.73 37.88
N TRP A 101 1.16 10.12 39.12
CA TRP A 101 2.23 10.57 39.99
C TRP A 101 3.09 11.65 39.33
N TYR A 102 2.42 12.57 38.60
CA TYR A 102 3.07 13.71 37.96
C TYR A 102 4.10 13.26 36.93
N GLN A 103 3.78 12.20 36.18
CA GLN A 103 4.72 11.64 35.22
C GLN A 103 3.98 11.01 34.04
N TYR A 104 4.50 11.27 32.82
CA TYR A 104 3.96 10.66 31.60
C TYR A 104 4.58 9.30 31.37
N ASP A 105 3.73 8.28 31.30
CA ASP A 105 4.24 6.94 31.00
C ASP A 105 4.02 6.49 29.55
N TYR A 106 2.93 6.90 28.91
CA TYR A 106 2.58 6.44 27.57
C TYR A 106 2.09 7.62 26.74
N TRP A 107 2.35 7.56 25.43
CA TRP A 107 1.98 8.62 24.51
C TRP A 107 1.29 8.01 23.30
N GLY A 108 0.22 8.65 22.84
CA GLY A 108 -0.37 8.27 21.57
C GLY A 108 0.49 8.69 20.41
N GLN A 109 0.13 8.20 19.22
CA GLN A 109 0.81 8.47 17.96
C GLN A 109 0.46 9.82 17.34
N GLY A 110 -0.55 10.50 17.84
CA GLY A 110 -0.95 11.80 17.32
C GLY A 110 -2.14 11.74 16.36
N THR A 111 -2.89 12.85 16.31
CA THR A 111 -4.00 13.04 15.39
C THR A 111 -3.81 14.38 14.70
N THR A 112 -3.66 14.35 13.37
CA THR A 112 -3.54 15.58 12.61
C THR A 112 -4.90 16.17 12.38
N LEU A 113 -5.08 17.42 12.79
CA LEU A 113 -6.30 18.16 12.49
C LEU A 113 -5.96 19.32 11.57
N THR A 114 -6.65 19.39 10.43
CA THR A 114 -6.53 20.51 9.50
C THR A 114 -7.86 21.22 9.41
N VAL A 115 -7.87 22.52 9.72
CA VAL A 115 -9.07 23.33 9.63
C VAL A 115 -8.93 24.26 8.44
N SER A 116 -9.70 24.02 7.39
CA SER A 116 -9.53 24.78 6.17
C SER A 116 -10.82 24.80 5.39
N SER A 117 -11.02 25.86 4.60
CA SER A 117 -12.12 25.83 3.63
C SER A 117 -11.73 25.06 2.37
N ALA A 118 -10.47 24.68 2.21
CA ALA A 118 -10.03 24.00 1.01
C ALA A 118 -10.49 22.55 0.97
N SER A 119 -10.75 22.06 -0.22
CA SER A 119 -11.09 20.67 -0.49
C SER A 119 -9.82 19.92 -0.88
N THR A 120 -9.91 18.59 -0.88
CA THR A 120 -8.74 17.81 -1.27
C THR A 120 -8.35 18.08 -2.73
N LYS A 121 -7.05 17.99 -2.99
CA LYS A 121 -6.48 18.30 -4.31
C LYS A 121 -5.34 17.34 -4.57
N GLY A 122 -5.40 16.64 -5.69
CA GLY A 122 -4.42 15.64 -6.03
C GLY A 122 -3.15 16.29 -6.58
N PRO A 123 -2.05 15.55 -6.55
CA PRO A 123 -0.77 16.11 -6.99
C PRO A 123 -0.59 16.07 -8.49
N SER A 124 0.29 16.98 -8.94
CA SER A 124 0.89 16.96 -10.28
C SER A 124 2.30 16.43 -10.13
N VAL A 125 2.68 15.48 -10.98
CA VAL A 125 3.94 14.76 -10.83
C VAL A 125 4.81 15.08 -12.02
N PHE A 126 6.08 15.46 -11.75
CA PHE A 126 6.99 15.82 -12.82
C PHE A 126 8.26 15.00 -12.65
N PRO A 127 8.92 14.67 -13.76
CA PRO A 127 10.18 13.92 -13.67
C PRO A 127 11.33 14.81 -13.23
N LEU A 128 12.27 14.21 -12.50
CA LEU A 128 13.56 14.86 -12.16
C LEU A 128 14.60 13.99 -12.89
N ALA A 129 14.95 14.39 -14.11
CA ALA A 129 15.61 13.50 -15.05
C ALA A 129 17.11 13.56 -14.81
N PRO A 130 17.81 12.41 -14.91
CA PRO A 130 19.25 12.36 -14.64
C PRO A 130 20.06 13.27 -15.57
N ALA A 138 29.89 4.92 -12.77
CA ALA A 138 29.24 6.16 -12.33
C ALA A 138 27.87 5.84 -11.74
N THR A 139 27.39 6.70 -10.86
CA THR A 139 25.99 6.69 -10.46
C THR A 139 25.32 7.98 -10.90
N ALA A 140 23.98 7.93 -10.98
CA ALA A 140 23.16 9.07 -11.34
C ALA A 140 21.94 9.09 -10.43
N ALA A 141 21.47 10.29 -10.13
CA ALA A 141 20.28 10.50 -9.34
C ALA A 141 19.14 10.85 -10.27
N LEU A 142 17.99 10.24 -10.03
CA LEU A 142 16.76 10.62 -10.72
C LEU A 142 15.65 10.65 -9.70
N GLY A 143 14.55 11.31 -10.03
CA GLY A 143 13.49 11.39 -9.04
C GLY A 143 12.17 11.83 -9.63
N CYS A 144 11.19 12.02 -8.75
CA CYS A 144 9.87 12.52 -9.10
C CYS A 144 9.57 13.69 -8.21
N LEU A 145 9.10 14.78 -8.80
CA LEU A 145 8.59 15.93 -8.06
C LEU A 145 7.08 15.81 -7.96
N VAL A 146 6.56 15.86 -6.75
CA VAL A 146 5.13 15.71 -6.46
C VAL A 146 4.63 17.05 -5.93
N LYS A 147 3.91 17.79 -6.79
CA LYS A 147 3.57 19.18 -6.52
C LYS A 147 2.13 19.44 -6.12
N ASP A 148 1.94 20.24 -5.07
CA ASP A 148 0.72 20.98 -4.84
C ASP A 148 -0.49 20.07 -4.62
N TYR A 149 -0.36 19.19 -3.62
CA TYR A 149 -1.46 18.36 -3.15
C TYR A 149 -1.94 18.79 -1.77
N PHE A 150 -3.13 18.29 -1.39
CA PHE A 150 -3.73 18.65 -0.11
C PHE A 150 -4.85 17.69 0.25
N PRO A 151 -4.93 17.22 1.52
CA PRO A 151 -3.97 17.37 2.62
C PRO A 151 -2.88 16.32 2.50
N GLU A 152 -2.02 16.16 3.52
CA GLU A 152 -1.10 15.04 3.53
C GLU A 152 -1.88 13.75 3.78
N PRO A 153 -1.32 12.59 3.44
CA PRO A 153 0.01 12.34 2.91
C PRO A 153 0.07 11.86 1.49
N VAL A 154 1.25 11.93 0.88
CA VAL A 154 1.59 11.21 -0.33
C VAL A 154 2.58 10.12 0.04
N THR A 155 2.39 8.94 -0.53
CA THR A 155 3.43 7.91 -0.48
C THR A 155 3.97 7.67 -1.88
N VAL A 156 5.25 7.28 -1.95
CA VAL A 156 5.92 7.04 -3.22
C VAL A 156 6.63 5.70 -3.16
N SER A 157 6.54 4.95 -4.24
CA SER A 157 7.35 3.76 -4.48
C SER A 157 7.92 3.87 -5.89
N TRP A 158 8.90 3.01 -6.16
CA TRP A 158 9.56 2.92 -7.46
C TRP A 158 9.38 1.51 -8.00
N ASN A 159 9.12 1.42 -9.29
CA ASN A 159 8.88 0.14 -9.97
C ASN A 159 7.99 -0.78 -9.16
N SER A 160 6.91 -0.19 -8.64
CA SER A 160 5.84 -0.90 -7.92
C SER A 160 6.31 -1.56 -6.63
N GLY A 161 7.46 -1.15 -6.12
CA GLY A 161 8.00 -1.71 -4.91
C GLY A 161 9.19 -2.60 -5.16
N ALA A 162 9.58 -2.80 -6.43
CA ALA A 162 10.69 -3.63 -6.80
C ALA A 162 12.03 -2.95 -6.50
N LEU A 163 12.04 -1.63 -6.46
CA LEU A 163 13.25 -0.83 -6.36
C LEU A 163 13.19 -0.09 -5.03
N THR A 164 14.09 -0.44 -4.10
CA THR A 164 14.04 0.17 -2.78
C THR A 164 15.42 0.67 -2.36
N SER A 165 16.46 0.03 -2.85
CA SER A 165 17.80 0.38 -2.43
C SER A 165 18.19 1.73 -3.04
N GLY A 166 18.76 2.61 -2.23
CA GLY A 166 19.12 3.93 -2.68
C GLY A 166 17.96 4.85 -2.93
N VAL A 167 16.78 4.50 -2.45
CA VAL A 167 15.59 5.34 -2.58
C VAL A 167 15.43 6.18 -1.32
N HIS A 168 15.11 7.47 -1.50
CA HIS A 168 14.75 8.32 -0.39
C HIS A 168 13.56 9.18 -0.80
N THR A 169 12.51 9.16 -0.01
CA THR A 169 11.36 10.03 -0.19
C THR A 169 11.36 11.07 0.93
N PHE A 170 11.39 12.33 0.55
CA PHE A 170 11.54 13.38 1.54
C PHE A 170 10.21 13.70 2.18
N PRO A 171 10.25 14.31 3.37
CA PRO A 171 9.06 14.97 3.91
C PRO A 171 8.57 16.08 2.98
N ALA A 172 7.29 16.41 3.15
CA ALA A 172 6.68 17.47 2.37
C ALA A 172 7.06 18.84 2.92
N VAL A 173 7.11 19.80 2.02
CA VAL A 173 7.06 21.21 2.37
C VAL A 173 5.62 21.67 2.32
N LEU A 174 5.27 22.55 3.24
CA LEU A 174 3.98 23.21 3.30
C LEU A 174 4.23 24.59 2.73
N GLN A 175 3.68 24.86 1.55
CA GLN A 175 3.88 26.14 0.89
C GLN A 175 2.96 27.19 1.49
N SER A 176 3.23 28.46 1.15
CA SER A 176 2.40 29.55 1.64
C SER A 176 0.98 29.48 1.08
N SER A 177 0.79 28.80 -0.05
CA SER A 177 -0.52 28.58 -0.65
C SER A 177 -1.40 27.60 0.12
N GLY A 178 -0.85 26.88 1.09
CA GLY A 178 -1.57 25.86 1.81
C GLY A 178 -1.41 24.47 1.26
N LEU A 179 -0.77 24.33 0.11
CA LEU A 179 -0.56 23.04 -0.51
C LEU A 179 0.83 22.49 -0.22
N TYR A 180 0.92 21.17 -0.24
CA TYR A 180 2.14 20.45 0.04
C TYR A 180 2.82 20.00 -1.25
N SER A 181 4.13 19.82 -1.17
CA SER A 181 4.91 19.19 -2.23
C SER A 181 6.01 18.35 -1.61
N LEU A 182 6.41 17.30 -2.31
CA LEU A 182 7.56 16.53 -1.87
C LEU A 182 8.26 15.97 -3.09
N SER A 183 9.44 15.38 -2.85
CA SER A 183 10.18 14.72 -3.89
C SER A 183 10.63 13.35 -3.40
N SER A 184 10.90 12.49 -4.35
CA SER A 184 11.47 11.17 -4.14
C SER A 184 12.60 11.01 -5.13
N VAL A 185 13.73 10.48 -4.64
CA VAL A 185 14.92 10.36 -5.44
C VAL A 185 15.43 8.94 -5.30
N VAL A 186 16.07 8.47 -6.37
CA VAL A 186 16.77 7.20 -6.33
C VAL A 186 18.09 7.37 -7.05
N THR A 187 19.14 6.75 -6.51
CA THR A 187 20.44 6.75 -7.16
C THR A 187 20.66 5.40 -7.82
N VAL A 188 21.06 5.43 -9.09
CA VAL A 188 21.10 4.21 -9.89
C VAL A 188 22.41 4.16 -10.66
N PRO A 189 22.77 3.00 -11.22
CA PRO A 189 24.00 2.94 -12.01
C PRO A 189 23.79 3.71 -13.31
N SER A 190 24.71 4.62 -13.62
CA SER A 190 24.61 5.34 -14.89
C SER A 190 24.52 4.38 -16.06
N SER A 191 25.14 3.20 -15.91
CA SER A 191 25.17 2.23 -17.01
C SER A 191 23.77 1.79 -17.41
N SER A 192 22.88 1.62 -16.41
CA SER A 192 21.53 1.15 -16.65
C SER A 192 20.58 2.21 -17.19
N LEU A 193 21.02 3.46 -17.28
CA LEU A 193 20.18 4.49 -17.88
C LEU A 193 20.11 4.25 -19.38
N GLY A 194 18.90 4.26 -19.94
CA GLY A 194 18.70 3.99 -21.35
C GLY A 194 18.22 2.60 -21.67
N THR A 195 18.23 1.69 -20.70
CA THR A 195 17.65 0.37 -20.89
C THR A 195 16.74 0.07 -19.71
N GLN A 196 17.25 0.27 -18.49
CA GLN A 196 16.44 -0.03 -17.33
C GLN A 196 15.37 1.06 -17.16
N THR A 197 14.16 0.63 -16.87
CA THR A 197 13.00 1.49 -16.79
C THR A 197 12.79 1.93 -15.35
N TYR A 198 12.51 3.22 -15.16
CA TYR A 198 12.35 3.78 -13.82
C TYR A 198 11.05 4.55 -13.71
N ILE A 199 10.16 4.08 -12.84
CA ILE A 199 8.82 4.64 -12.71
C ILE A 199 8.52 4.87 -11.24
N CYS A 200 8.21 6.12 -10.89
CA CYS A 200 7.74 6.38 -9.54
C CYS A 200 6.23 6.24 -9.51
N ASN A 201 5.73 5.60 -8.48
CA ASN A 201 4.31 5.41 -8.26
C ASN A 201 3.90 6.29 -7.08
N VAL A 202 3.14 7.35 -7.36
CA VAL A 202 2.71 8.33 -6.38
C VAL A 202 1.28 8.02 -5.96
N ASN A 203 1.03 7.92 -4.65
CA ASN A 203 -0.30 7.70 -4.14
C ASN A 203 -0.74 8.82 -3.22
N HIS A 204 -1.90 9.40 -3.52
CA HIS A 204 -2.54 10.42 -2.68
C HIS A 204 -3.94 9.92 -2.39
N ALA A 205 -4.06 9.05 -1.38
CA ALA A 205 -5.38 8.50 -1.03
C ALA A 205 -6.40 9.57 -0.67
N PRO A 206 -6.04 10.70 -0.04
CA PRO A 206 -7.08 11.71 0.26
C PRO A 206 -7.88 12.19 -0.95
N SER A 207 -7.29 12.27 -2.14
CA SER A 207 -7.97 12.70 -3.37
C SER A 207 -8.24 11.52 -4.29
N ASN A 208 -8.04 10.30 -3.81
CA ASN A 208 -8.22 9.11 -4.63
C ASN A 208 -7.45 9.20 -5.94
N THR A 209 -6.18 9.61 -5.87
CA THR A 209 -5.34 9.73 -7.03
C THR A 209 -4.13 8.82 -6.92
N LYS A 210 -3.75 8.20 -8.04
CA LYS A 210 -2.50 7.50 -8.18
C LYS A 210 -1.89 7.90 -9.53
N VAL A 211 -0.61 8.25 -9.52
CA VAL A 211 0.08 8.60 -10.74
C VAL A 211 1.33 7.74 -10.89
N ASP A 212 1.53 7.20 -12.09
CA ASP A 212 2.78 6.56 -12.49
C ASP A 212 3.50 7.47 -13.46
N LYS A 213 4.79 7.74 -13.21
CA LYS A 213 5.59 8.57 -14.08
C LYS A 213 6.90 7.88 -14.37
N LYS A 214 7.17 7.63 -15.64
CA LYS A 214 8.43 7.05 -16.07
C LYS A 214 9.41 8.18 -16.24
N VAL A 215 10.59 8.03 -15.63
CA VAL A 215 11.62 9.06 -15.61
C VAL A 215 12.73 8.63 -16.56
N GLU A 216 12.86 9.38 -17.65
CA GLU A 216 13.81 9.12 -18.70
C GLU A 216 14.90 10.19 -18.70
N PRO A 217 16.11 9.85 -19.19
CA PRO A 217 17.21 10.82 -19.30
C PRO A 217 16.95 11.96 -20.27
N VAL B 2 -14.61 -35.17 0.71
CA VAL B 2 -15.18 -33.89 1.08
C VAL B 2 -15.42 -33.00 -0.14
N GLN B 3 -16.68 -32.57 -0.27
CA GLN B 3 -17.14 -31.85 -1.44
C GLN B 3 -18.03 -30.71 -0.98
N LEU B 4 -17.72 -29.50 -1.40
CA LEU B 4 -18.63 -28.37 -1.36
C LEU B 4 -18.97 -28.12 -2.84
N GLN B 5 -20.10 -28.68 -3.29
CA GLN B 5 -20.40 -28.74 -4.71
C GLN B 5 -21.38 -27.64 -5.10
N GLN B 6 -20.89 -26.69 -5.87
CA GLN B 6 -21.69 -25.52 -6.22
C GLN B 6 -22.38 -25.72 -7.57
N SER B 7 -23.51 -25.03 -7.72
CA SER B 7 -24.25 -25.05 -8.96
C SER B 7 -23.41 -24.42 -10.07
N GLY B 8 -23.85 -24.64 -11.30
CA GLY B 8 -23.01 -24.36 -12.45
C GLY B 8 -23.09 -22.91 -12.86
N PRO B 9 -22.36 -22.59 -13.92
CA PRO B 9 -22.23 -21.17 -14.29
C PRO B 9 -23.55 -20.62 -14.77
N GLU B 10 -23.71 -19.33 -14.60
CA GLU B 10 -24.97 -18.67 -14.88
C GLU B 10 -24.72 -17.53 -15.85
N LEU B 11 -25.55 -17.42 -16.88
CA LEU B 11 -25.49 -16.30 -17.81
C LEU B 11 -26.90 -15.76 -17.90
N VAL B 12 -27.12 -14.57 -17.38
CA VAL B 12 -28.45 -14.06 -17.10
C VAL B 12 -28.51 -12.61 -17.51
N LYS B 13 -29.70 -12.15 -17.75
CA LYS B 13 -29.86 -10.77 -18.19
C LYS B 13 -29.98 -9.83 -17.00
N PRO B 14 -29.56 -8.58 -17.17
CA PRO B 14 -29.79 -7.57 -16.13
C PRO B 14 -31.23 -7.56 -15.66
N GLY B 15 -31.40 -7.32 -14.36
CA GLY B 15 -32.70 -7.25 -13.73
C GLY B 15 -33.20 -8.59 -13.23
N SER B 16 -32.61 -9.68 -13.65
CA SER B 16 -33.01 -11.00 -13.20
C SER B 16 -32.44 -11.28 -11.81
N SER B 17 -32.68 -12.49 -11.33
CA SER B 17 -32.17 -12.97 -10.04
C SER B 17 -31.67 -14.38 -10.29
N VAL B 18 -30.67 -14.81 -9.50
CA VAL B 18 -30.16 -16.16 -9.60
C VAL B 18 -30.04 -16.71 -8.19
N LYS B 19 -30.12 -18.02 -8.06
CA LYS B 19 -29.98 -18.69 -6.78
C LYS B 19 -28.87 -19.71 -6.95
N ILE B 20 -27.78 -19.48 -6.32
CA ILE B 20 -26.63 -20.36 -6.36
C ILE B 20 -26.71 -21.33 -5.22
N SER B 21 -26.41 -22.58 -5.48
CA SER B 21 -26.51 -23.61 -4.45
C SER B 21 -25.13 -24.15 -4.11
N CYS B 22 -25.01 -24.66 -2.90
CA CYS B 22 -23.77 -25.24 -2.42
C CYS B 22 -24.11 -26.46 -1.55
N LYS B 23 -23.88 -27.64 -2.09
CA LYS B 23 -24.24 -28.88 -1.42
C LYS B 23 -23.00 -29.53 -0.81
N GLY B 24 -23.09 -29.82 0.48
CA GLY B 24 -21.98 -30.36 1.23
C GLY B 24 -22.11 -31.86 1.43
N SER B 25 -20.98 -32.56 1.25
CA SER B 25 -21.01 -34.02 1.38
C SER B 25 -19.61 -34.49 1.73
N GLY B 26 -19.53 -35.67 2.33
CA GLY B 26 -18.28 -36.16 2.84
C GLY B 26 -17.89 -35.60 4.18
N TYR B 27 -18.78 -34.84 4.83
CA TYR B 27 -18.53 -34.27 6.13
C TYR B 27 -19.87 -34.01 6.80
N THR B 28 -19.82 -33.69 8.09
CA THR B 28 -21.05 -33.41 8.81
C THR B 28 -21.44 -31.96 8.54
N PHE B 29 -22.44 -31.78 7.68
CA PHE B 29 -22.86 -30.45 7.24
C PHE B 29 -23.16 -29.54 8.42
N THR B 30 -23.79 -30.09 9.45
CA THR B 30 -24.22 -29.29 10.59
C THR B 30 -23.08 -28.95 11.54
N ASP B 31 -21.86 -29.41 11.25
CA ASP B 31 -20.70 -29.05 12.05
C ASP B 31 -20.03 -27.75 11.57
N TYR B 32 -20.57 -27.11 10.51
CA TYR B 32 -19.95 -25.94 9.89
C TYR B 32 -20.96 -24.84 9.55
N ASN B 33 -20.55 -23.59 9.72
CA ASN B 33 -21.25 -22.50 9.08
C ASN B 33 -20.97 -22.60 7.59
N MET B 34 -21.86 -22.01 6.78
CA MET B 34 -21.52 -21.79 5.37
C MET B 34 -21.33 -20.31 5.13
N GLU B 35 -20.13 -19.94 4.71
CA GLU B 35 -19.78 -18.58 4.34
C GLU B 35 -19.74 -18.46 2.83
N TRP B 36 -19.95 -17.22 2.36
CA TRP B 36 -20.03 -16.91 0.95
C TRP B 36 -19.12 -15.74 0.65
N VAL B 37 -18.40 -15.84 -0.46
CA VAL B 37 -17.36 -14.89 -0.88
C VAL B 37 -17.48 -14.60 -2.36
N LYS B 38 -17.29 -13.33 -2.74
CA LYS B 38 -17.34 -12.88 -4.13
C LYS B 38 -15.92 -12.56 -4.58
N GLN B 39 -15.51 -13.12 -5.71
CA GLN B 39 -14.23 -12.81 -6.32
C GLN B 39 -14.54 -12.05 -7.60
N SER B 40 -14.18 -10.79 -7.64
CA SER B 40 -14.41 -9.98 -8.83
C SER B 40 -13.07 -9.68 -9.49
N HIS B 41 -13.12 -9.52 -10.81
CA HIS B 41 -11.94 -9.28 -11.62
C HIS B 41 -10.98 -10.47 -11.62
N GLY B 42 -11.37 -11.60 -11.02
CA GLY B 42 -10.40 -12.65 -10.73
C GLY B 42 -9.32 -12.23 -9.77
N LYS B 43 -9.62 -11.25 -8.89
CA LYS B 43 -8.61 -10.62 -8.06
C LYS B 43 -9.13 -10.35 -6.65
N SER B 44 -9.98 -9.34 -6.51
CA SER B 44 -10.44 -8.88 -5.20
C SER B 44 -11.45 -9.85 -4.59
N LEU B 45 -11.19 -10.25 -3.33
CA LEU B 45 -12.15 -11.02 -2.56
C LEU B 45 -12.93 -10.15 -1.59
N GLU B 46 -14.26 -10.39 -1.51
CA GLU B 46 -15.12 -9.73 -0.57
C GLU B 46 -15.97 -10.79 0.12
N TRP B 47 -16.11 -10.66 1.43
CA TRP B 47 -16.99 -11.52 2.20
C TRP B 47 -18.41 -11.05 2.05
N ILE B 48 -19.33 -11.97 1.79
CA ILE B 48 -20.75 -11.65 1.63
C ILE B 48 -21.50 -11.85 2.94
N GLY B 49 -21.34 -13.00 3.56
CA GLY B 49 -22.08 -13.29 4.77
C GLY B 49 -21.91 -14.74 5.15
N VAL B 50 -22.61 -15.11 6.20
CA VAL B 50 -22.52 -16.46 6.73
C VAL B 50 -23.89 -16.89 7.22
N ILE B 51 -24.18 -18.18 7.10
CA ILE B 51 -25.37 -18.75 7.73
C ILE B 51 -24.97 -19.99 8.50
N ASN B 52 -25.51 -20.14 9.69
CA ASN B 52 -25.36 -21.35 10.46
C ASN B 52 -26.53 -22.28 10.13
N PRO B 53 -26.29 -23.47 9.56
CA PRO B 53 -27.41 -24.32 9.13
C PRO B 53 -28.30 -24.80 10.25
N ASN B 54 -27.76 -24.89 11.46
CA ASN B 54 -28.52 -25.45 12.58
C ASN B 54 -29.60 -24.52 13.06
N ASN B 55 -29.27 -23.22 13.19
CA ASN B 55 -30.20 -22.24 13.73
C ASN B 55 -30.61 -21.18 12.71
N ARG B 56 -30.18 -21.27 11.46
CA ARG B 56 -30.49 -20.27 10.43
C ARG B 56 -30.02 -18.90 10.82
N PHE B 57 -29.10 -18.82 11.78
CA PHE B 57 -28.49 -17.53 12.08
C PHE B 57 -27.71 -17.06 10.88
N THR B 58 -27.86 -15.77 10.54
CA THR B 58 -27.13 -15.15 9.45
C THR B 58 -26.50 -13.86 9.94
N SER B 59 -25.39 -13.52 9.30
CA SER B 59 -24.75 -12.24 9.43
C SER B 59 -24.23 -11.86 8.06
N TYR B 60 -24.45 -10.61 7.68
CA TYR B 60 -24.11 -10.14 6.36
C TYR B 60 -23.10 -9.01 6.42
N ASN B 61 -22.29 -8.95 5.38
CA ASN B 61 -21.64 -7.70 4.98
C ASN B 61 -22.71 -6.69 4.58
N GLN B 62 -22.73 -5.55 5.29
CA GLN B 62 -23.76 -4.52 5.07
C GLN B 62 -23.93 -4.18 3.60
N ASN B 63 -22.83 -4.19 2.84
CA ASN B 63 -22.82 -3.83 1.45
C ASN B 63 -23.57 -4.81 0.56
N PHE B 64 -23.99 -5.96 1.10
CA PHE B 64 -24.72 -6.94 0.33
C PHE B 64 -26.16 -7.09 0.77
N ARG B 65 -26.58 -6.38 1.83
CA ARG B 65 -27.97 -6.51 2.25
C ARG B 65 -28.85 -5.88 1.17
N GLY B 66 -29.90 -6.59 0.78
CA GLY B 66 -30.69 -6.20 -0.35
C GLY B 66 -30.21 -6.73 -1.68
N LYS B 67 -28.97 -7.22 -1.74
CA LYS B 67 -28.46 -7.92 -2.91
C LYS B 67 -28.48 -9.44 -2.72
N ALA B 68 -27.89 -9.93 -1.62
CA ALA B 68 -27.78 -11.35 -1.37
C ALA B 68 -28.70 -11.80 -0.22
N THR B 69 -29.26 -12.98 -0.37
CA THR B 69 -30.05 -13.62 0.69
C THR B 69 -29.54 -15.04 0.88
N LEU B 70 -29.12 -15.37 2.10
CA LEU B 70 -28.63 -16.69 2.43
C LEU B 70 -29.74 -17.51 3.05
N THR B 71 -29.92 -18.74 2.54
CA THR B 71 -30.81 -19.71 3.16
C THR B 71 -30.14 -21.08 3.20
N VAL B 72 -30.75 -22.01 3.92
CA VAL B 72 -30.22 -23.37 4.02
C VAL B 72 -31.38 -24.36 4.00
N ASP B 73 -31.13 -25.52 3.39
CA ASP B 73 -31.98 -26.70 3.51
C ASP B 73 -31.15 -27.74 4.27
N LYS B 74 -31.30 -27.77 5.59
CA LYS B 74 -30.44 -28.63 6.39
C LYS B 74 -30.62 -30.09 5.99
N SER B 75 -31.82 -30.45 5.56
CA SER B 75 -32.15 -31.85 5.29
C SER B 75 -31.47 -32.37 4.03
N SER B 76 -31.21 -31.48 3.07
CA SER B 76 -30.48 -31.88 1.87
C SER B 76 -29.03 -31.42 1.90
N SER B 77 -28.54 -31.01 3.07
CA SER B 77 -27.16 -30.52 3.22
C SER B 77 -26.80 -29.49 2.15
N THR B 78 -27.70 -28.55 1.89
CA THR B 78 -27.48 -27.58 0.82
C THR B 78 -27.71 -26.17 1.33
N ALA B 79 -26.80 -25.28 1.01
CA ALA B 79 -26.90 -23.86 1.31
C ALA B 79 -27.13 -23.11 -0.01
N TYR B 80 -27.91 -22.02 0.08
CA TYR B 80 -28.27 -21.25 -1.08
C TYR B 80 -27.95 -19.80 -0.89
N MET B 81 -27.56 -19.15 -1.99
CA MET B 81 -27.39 -17.70 -2.02
C MET B 81 -28.21 -17.17 -3.19
N ASP B 82 -29.20 -16.35 -2.90
CA ASP B 82 -30.01 -15.69 -3.91
C ASP B 82 -29.44 -14.30 -4.16
N LEU B 83 -29.18 -13.97 -5.42
CA LEU B 83 -28.66 -12.67 -5.81
C LEU B 83 -29.71 -12.01 -6.69
N ARG B 84 -30.20 -10.84 -6.29
CA ARG B 84 -31.37 -10.23 -6.90
C ARG B 84 -31.03 -8.89 -7.56
N SER B 85 -31.94 -8.42 -8.42
CA SER B 85 -31.75 -7.15 -9.11
C SER B 85 -30.38 -7.10 -9.76
N LEU B 86 -30.09 -8.14 -10.55
CA LEU B 86 -28.74 -8.32 -11.04
C LEU B 86 -28.35 -7.21 -12.02
N THR B 87 -27.08 -6.82 -11.94
CA THR B 87 -26.44 -5.87 -12.84
C THR B 87 -25.09 -6.44 -13.24
N SER B 88 -24.46 -5.83 -14.26
CA SER B 88 -23.14 -6.29 -14.71
C SER B 88 -22.12 -6.27 -13.57
N GLU B 89 -22.40 -5.53 -12.52
CA GLU B 89 -21.45 -5.41 -11.42
C GLU B 89 -21.44 -6.66 -10.56
N ASP B 90 -22.53 -7.42 -10.59
CA ASP B 90 -22.60 -8.72 -9.94
C ASP B 90 -21.84 -9.79 -10.69
N SER B 91 -21.30 -9.50 -11.87
CA SER B 91 -20.56 -10.53 -12.57
C SER B 91 -19.29 -10.80 -11.82
N ALA B 92 -19.09 -12.08 -11.48
CA ALA B 92 -18.00 -12.46 -10.59
C ALA B 92 -18.00 -13.97 -10.46
N VAL B 93 -17.06 -14.49 -9.70
CA VAL B 93 -17.05 -15.89 -9.26
C VAL B 93 -17.39 -15.90 -7.77
N TYR B 94 -18.39 -16.69 -7.41
CA TYR B 94 -18.90 -16.76 -6.04
C TYR B 94 -18.52 -18.09 -5.42
N PHE B 95 -18.05 -18.05 -4.17
CA PHE B 95 -17.62 -19.24 -3.46
C PHE B 95 -18.42 -19.43 -2.16
N CYS B 96 -18.75 -20.67 -1.88
CA CYS B 96 -19.16 -21.04 -0.52
C CYS B 96 -17.97 -21.67 0.16
N ALA B 97 -17.94 -21.58 1.50
CA ALA B 97 -16.87 -22.13 2.30
C ALA B 97 -17.44 -22.57 3.64
N GLY B 98 -16.96 -23.71 4.13
CA GLY B 98 -17.37 -24.22 5.42
C GLY B 98 -16.43 -23.79 6.51
N SER B 99 -16.98 -23.20 7.57
CA SER B 99 -16.19 -22.65 8.65
C SER B 99 -16.66 -23.10 10.03
N ARG B 100 -15.72 -23.09 10.97
CA ARG B 100 -16.04 -23.23 12.38
C ARG B 100 -14.83 -22.74 13.18
N TRP B 101 -15.08 -22.25 14.39
CA TRP B 101 -14.01 -21.77 15.25
C TRP B 101 -13.14 -20.73 14.52
N TYR B 102 -13.82 -19.85 13.78
CA TYR B 102 -13.21 -18.78 13.00
C TYR B 102 -12.15 -19.30 12.03
N GLN B 103 -12.42 -20.45 11.41
CA GLN B 103 -11.49 -21.00 10.41
C GLN B 103 -12.23 -21.59 9.23
N TYR B 104 -11.78 -21.26 8.00
CA TYR B 104 -12.28 -21.90 6.80
C TYR B 104 -11.63 -23.26 6.62
N ASP B 105 -12.41 -24.32 6.78
CA ASP B 105 -11.86 -25.64 6.54
C ASP B 105 -11.98 -26.09 5.09
N TYR B 106 -13.09 -25.78 4.41
CA TYR B 106 -13.36 -26.28 3.08
C TYR B 106 -13.92 -25.17 2.19
N TRP B 107 -13.64 -25.26 0.88
CA TRP B 107 -14.07 -24.28 -0.10
C TRP B 107 -14.77 -24.98 -1.25
N GLY B 108 -15.86 -24.39 -1.76
CA GLY B 108 -16.44 -24.85 -3.00
C GLY B 108 -15.56 -24.48 -4.17
N GLN B 109 -15.95 -24.96 -5.35
CA GLN B 109 -15.20 -24.76 -6.58
C GLN B 109 -15.45 -23.41 -7.21
N GLY B 110 -16.47 -22.71 -6.75
CA GLY B 110 -16.88 -21.44 -7.32
C GLY B 110 -17.99 -21.58 -8.34
N THR B 111 -18.77 -20.51 -8.47
CA THR B 111 -19.85 -20.39 -9.44
C THR B 111 -19.65 -19.08 -10.20
N THR B 112 -19.42 -19.15 -11.50
CA THR B 112 -19.26 -17.95 -12.31
C THR B 112 -20.62 -17.40 -12.71
N LEU B 113 -20.86 -16.15 -12.35
CA LEU B 113 -22.04 -15.42 -12.80
C LEU B 113 -21.62 -14.35 -13.80
N THR B 114 -22.26 -14.37 -14.97
CA THR B 114 -22.13 -13.33 -15.98
C THR B 114 -23.48 -12.66 -16.18
N VAL B 115 -23.56 -11.37 -15.89
CA VAL B 115 -24.79 -10.60 -16.10
C VAL B 115 -24.57 -9.76 -17.35
N SER B 116 -25.41 -9.97 -18.36
CA SER B 116 -25.15 -9.40 -19.66
C SER B 116 -26.39 -9.50 -20.53
N SER B 117 -26.49 -8.64 -21.54
CA SER B 117 -27.61 -8.66 -22.49
C SER B 117 -27.13 -9.33 -23.77
N ALA B 118 -25.84 -9.62 -23.86
CA ALA B 118 -25.25 -10.30 -25.03
C ALA B 118 -25.86 -11.69 -25.21
N SER B 119 -25.91 -12.18 -26.44
CA SER B 119 -26.44 -13.51 -26.78
C SER B 119 -25.26 -14.36 -27.28
N THR B 120 -25.46 -15.65 -27.40
CA THR B 120 -24.42 -16.55 -27.94
C THR B 120 -24.02 -16.09 -29.33
N LYS B 121 -22.73 -16.12 -29.62
CA LYS B 121 -22.17 -15.74 -30.93
C LYS B 121 -21.02 -16.69 -31.25
N GLY B 122 -21.12 -17.38 -32.39
CA GLY B 122 -20.09 -18.31 -32.83
C GLY B 122 -18.87 -17.57 -33.35
N PRO B 123 -17.72 -18.23 -33.37
CA PRO B 123 -16.48 -17.55 -33.77
C PRO B 123 -16.36 -17.42 -35.28
N SER B 124 -15.57 -16.42 -35.68
CA SER B 124 -14.94 -16.37 -36.99
C SER B 124 -13.54 -16.94 -36.85
N VAL B 125 -13.12 -17.78 -37.80
CA VAL B 125 -11.85 -18.47 -37.73
C VAL B 125 -10.99 -18.05 -38.92
N PHE B 126 -9.73 -17.68 -38.65
CA PHE B 126 -8.84 -17.19 -39.68
C PHE B 126 -7.53 -17.95 -39.58
N PRO B 127 -6.87 -18.23 -40.69
CA PRO B 127 -5.61 -18.97 -40.64
C PRO B 127 -4.48 -18.05 -40.23
N LEU B 128 -3.51 -18.63 -39.55
CA LEU B 128 -2.27 -17.96 -39.16
C LEU B 128 -1.19 -18.70 -39.95
N ALA B 129 -0.90 -18.21 -41.14
CA ALA B 129 -0.13 -18.95 -42.13
C ALA B 129 1.37 -18.90 -41.82
N PRO B 130 2.09 -20.00 -42.08
CA PRO B 130 3.55 -20.04 -41.83
C PRO B 130 4.35 -19.32 -42.91
N THR B 139 11.84 -25.69 -38.39
CA THR B 139 10.43 -25.66 -37.99
C THR B 139 9.72 -24.35 -38.35
N ALA B 140 8.39 -24.46 -38.50
CA ALA B 140 7.53 -23.33 -38.80
C ALA B 140 6.34 -23.37 -37.85
N ALA B 141 5.86 -22.20 -37.44
CA ALA B 141 4.64 -22.10 -36.65
C ALA B 141 3.49 -21.70 -37.57
N LEU B 142 2.36 -22.38 -37.42
CA LEU B 142 1.14 -22.03 -38.10
C LEU B 142 0.03 -22.16 -37.07
N GLY B 143 -1.12 -21.56 -37.36
CA GLY B 143 -2.15 -21.61 -36.37
C GLY B 143 -3.48 -21.15 -36.93
N CYS B 144 -4.42 -21.01 -36.01
CA CYS B 144 -5.74 -20.47 -36.34
CA CYS B 144 -5.70 -20.44 -36.36
C CYS B 144 -6.11 -19.45 -35.28
N LEU B 145 -6.65 -18.33 -35.73
CA LEU B 145 -7.20 -17.30 -34.85
C LEU B 145 -8.72 -17.49 -34.79
N VAL B 146 -9.23 -17.64 -33.59
CA VAL B 146 -10.65 -17.89 -33.33
C VAL B 146 -11.21 -16.64 -32.66
N LYS B 147 -11.93 -15.83 -33.44
CA LYS B 147 -12.24 -14.46 -33.07
C LYS B 147 -13.69 -14.29 -32.69
N ASP B 148 -13.92 -13.50 -31.62
CA ASP B 148 -15.20 -12.84 -31.37
C ASP B 148 -16.34 -13.83 -31.15
N TYR B 149 -16.14 -14.75 -30.19
CA TYR B 149 -17.21 -15.65 -29.80
C TYR B 149 -17.67 -15.35 -28.37
N PHE B 150 -18.84 -15.90 -28.04
CA PHE B 150 -19.40 -15.75 -26.71
C PHE B 150 -20.46 -16.80 -26.47
N PRO B 151 -20.49 -17.44 -25.29
CA PRO B 151 -19.54 -17.35 -24.19
C PRO B 151 -18.43 -18.34 -24.43
N GLU B 152 -17.52 -18.43 -23.46
CA GLU B 152 -16.58 -19.53 -23.40
C GLU B 152 -17.34 -20.83 -23.22
N PRO B 153 -16.73 -21.96 -23.59
CA PRO B 153 -15.40 -22.15 -24.12
C PRO B 153 -15.39 -22.52 -25.59
N VAL B 154 -14.21 -22.46 -26.16
CA VAL B 154 -13.93 -22.99 -27.48
C VAL B 154 -12.90 -24.08 -27.33
N THR B 155 -13.01 -25.11 -28.16
CA THR B 155 -12.03 -26.18 -28.22
C THR B 155 -11.44 -26.25 -29.61
N VAL B 156 -10.14 -26.57 -29.69
CA VAL B 156 -9.46 -26.69 -30.97
C VAL B 156 -8.74 -28.01 -31.04
N SER B 157 -8.89 -28.70 -32.14
CA SER B 157 -8.02 -29.81 -32.47
C SER B 157 -7.39 -29.53 -33.83
N TRP B 158 -6.42 -30.36 -34.16
CA TRP B 158 -5.73 -30.28 -35.45
C TRP B 158 -5.81 -31.64 -36.13
N ASN B 159 -6.09 -31.63 -37.43
CA ASN B 159 -6.34 -32.83 -38.22
C ASN B 159 -7.19 -33.85 -37.48
N SER B 160 -8.25 -33.36 -36.85
CA SER B 160 -9.27 -34.18 -36.20
C SER B 160 -8.71 -35.02 -35.06
N GLY B 161 -7.72 -34.48 -34.37
CA GLY B 161 -7.10 -35.18 -33.27
C GLY B 161 -5.88 -35.98 -33.66
N ALA B 162 -5.57 -36.06 -34.96
CA ALA B 162 -4.40 -36.80 -35.43
C ALA B 162 -3.08 -36.03 -35.27
N LEU B 163 -3.12 -34.71 -35.16
CA LEU B 163 -1.92 -33.90 -34.95
C LEU B 163 -1.99 -33.35 -33.52
N THR B 164 -1.04 -33.79 -32.69
CA THR B 164 -1.01 -33.39 -31.29
C THR B 164 0.37 -32.86 -30.94
N SER B 165 1.40 -33.40 -31.59
CA SER B 165 2.77 -32.98 -31.31
C SER B 165 2.97 -31.50 -31.64
N GLY B 166 3.34 -30.72 -30.63
CA GLY B 166 3.64 -29.32 -30.81
C GLY B 166 2.43 -28.41 -30.85
N VAL B 167 1.26 -28.87 -30.44
CA VAL B 167 0.06 -28.04 -30.45
C VAL B 167 0.01 -27.24 -29.16
N HIS B 168 -0.24 -25.93 -29.28
CA HIS B 168 -0.40 -25.06 -28.12
C HIS B 168 -1.61 -24.18 -28.38
N THR B 169 -2.68 -24.41 -27.62
CA THR B 169 -3.89 -23.60 -27.72
C THR B 169 -3.88 -22.65 -26.53
N PHE B 170 -3.89 -21.36 -26.80
CA PHE B 170 -3.73 -20.39 -25.72
C PHE B 170 -5.05 -20.01 -25.07
N PRO B 171 -5.04 -19.66 -23.78
CA PRO B 171 -6.24 -19.13 -23.14
C PRO B 171 -6.74 -17.91 -23.87
N ALA B 172 -8.06 -17.78 -23.92
CA ALA B 172 -8.69 -16.67 -24.60
C ALA B 172 -8.47 -15.34 -23.89
N VAL B 173 -8.46 -14.30 -24.70
CA VAL B 173 -8.52 -12.91 -24.25
C VAL B 173 -9.98 -12.47 -24.25
N LEU B 174 -10.37 -11.69 -23.24
CA LEU B 174 -11.68 -11.05 -23.22
C LEU B 174 -11.48 -9.61 -23.65
N GLN B 175 -12.06 -9.25 -24.79
CA GLN B 175 -11.85 -7.95 -25.40
C GLN B 175 -12.85 -6.95 -24.80
N SER B 176 -12.57 -5.66 -25.04
CA SER B 176 -13.43 -4.61 -24.50
C SER B 176 -14.88 -4.79 -24.96
N SER B 177 -15.09 -5.42 -26.10
CA SER B 177 -16.42 -5.63 -26.66
C SER B 177 -17.25 -6.65 -25.92
N GLY B 178 -16.68 -7.37 -24.95
CA GLY B 178 -17.37 -8.44 -24.27
C GLY B 178 -17.24 -9.79 -24.93
N LEU B 179 -16.60 -9.87 -26.09
CA LEU B 179 -16.37 -11.10 -26.81
C LEU B 179 -14.99 -11.65 -26.52
N TYR B 180 -14.84 -12.96 -26.69
CA TYR B 180 -13.56 -13.64 -26.50
C TYR B 180 -12.89 -13.92 -27.84
N SER B 181 -11.55 -14.01 -27.82
CA SER B 181 -10.78 -14.54 -28.95
C SER B 181 -9.67 -15.41 -28.40
N LEU B 182 -9.29 -16.44 -29.16
CA LEU B 182 -8.08 -17.17 -28.78
C LEU B 182 -7.35 -17.63 -30.01
N SER B 183 -6.13 -18.16 -29.80
CA SER B 183 -5.34 -18.68 -30.91
C SER B 183 -4.81 -20.07 -30.57
N SER B 184 -4.62 -20.86 -31.61
CA SER B 184 -4.06 -22.20 -31.48
C SER B 184 -2.95 -22.33 -32.52
N VAL B 185 -1.77 -22.72 -32.07
CA VAL B 185 -0.60 -22.74 -32.95
C VAL B 185 0.01 -24.13 -32.84
N VAL B 186 0.56 -24.59 -33.95
CA VAL B 186 1.27 -25.87 -33.97
C VAL B 186 2.60 -25.63 -34.64
N THR B 187 3.66 -26.18 -34.05
CA THR B 187 4.98 -26.17 -34.65
C THR B 187 5.16 -27.45 -35.44
N VAL B 188 5.58 -27.32 -36.69
CA VAL B 188 5.60 -28.43 -37.64
C VAL B 188 6.87 -28.35 -38.46
N PRO B 189 7.25 -29.45 -39.12
CA PRO B 189 8.46 -29.42 -39.95
C PRO B 189 8.31 -28.47 -41.13
N SER B 190 9.27 -27.56 -41.27
CA SER B 190 9.23 -26.61 -42.36
C SER B 190 9.29 -27.29 -43.72
N SER B 191 10.01 -28.41 -43.81
CA SER B 191 10.20 -29.08 -45.10
C SER B 191 8.87 -29.52 -45.70
N SER B 192 8.01 -30.13 -44.87
CA SER B 192 6.76 -30.70 -45.38
C SER B 192 5.69 -29.65 -45.62
N LEU B 193 5.97 -28.37 -45.43
CA LEU B 193 5.03 -27.33 -45.81
C LEU B 193 4.88 -27.36 -47.33
N GLY B 194 3.66 -27.17 -47.79
CA GLY B 194 3.37 -27.30 -49.20
C GLY B 194 3.06 -28.70 -49.65
N THR B 195 3.41 -29.71 -48.85
CA THR B 195 3.00 -31.08 -49.11
C THR B 195 2.05 -31.63 -48.04
N GLN B 196 2.08 -31.08 -46.83
CA GLN B 196 1.23 -31.57 -45.76
C GLN B 196 -0.03 -30.72 -45.59
N THR B 197 -1.08 -31.37 -45.11
CA THR B 197 -2.34 -30.71 -44.82
C THR B 197 -2.48 -30.48 -43.31
N TYR B 198 -2.74 -29.22 -42.94
CA TYR B 198 -3.01 -28.82 -41.57
C TYR B 198 -4.37 -28.15 -41.48
N ILE B 199 -5.28 -28.76 -40.73
CA ILE B 199 -6.64 -28.24 -40.58
C ILE B 199 -6.93 -28.11 -39.09
N CYS B 200 -7.28 -26.91 -38.65
CA CYS B 200 -7.75 -26.73 -37.29
CA CYS B 200 -7.75 -26.73 -37.28
C CYS B 200 -9.26 -26.96 -37.25
N ASN B 201 -9.69 -27.65 -36.21
CA ASN B 201 -11.07 -28.02 -35.97
C ASN B 201 -11.52 -27.22 -34.75
N VAL B 202 -12.38 -26.23 -34.98
CA VAL B 202 -12.83 -25.31 -33.92
C VAL B 202 -14.26 -25.69 -33.53
N ASN B 203 -14.48 -25.94 -32.25
CA ASN B 203 -15.80 -26.27 -31.72
C ASN B 203 -16.24 -25.20 -30.74
N HIS B 204 -17.42 -24.64 -30.96
CA HIS B 204 -18.05 -23.70 -30.05
C HIS B 204 -19.45 -24.25 -29.78
N ALA B 205 -19.54 -25.15 -28.78
CA ALA B 205 -20.82 -25.78 -28.48
C ALA B 205 -21.92 -24.78 -28.11
N PRO B 206 -21.65 -23.68 -27.40
CA PRO B 206 -22.78 -22.81 -27.03
C PRO B 206 -23.54 -22.26 -28.23
N SER B 207 -22.89 -22.15 -29.40
CA SER B 207 -23.55 -21.69 -30.62
C SER B 207 -23.77 -22.81 -31.61
N ASN B 208 -23.50 -24.06 -31.22
CA ASN B 208 -23.65 -25.22 -32.10
C ASN B 208 -22.87 -25.04 -33.39
N THR B 209 -21.69 -24.43 -33.30
CA THR B 209 -20.87 -24.13 -34.45
C THR B 209 -19.64 -25.02 -34.43
N LYS B 210 -19.28 -25.55 -35.60
CA LYS B 210 -18.01 -26.21 -35.82
C LYS B 210 -17.41 -25.68 -37.11
N VAL B 211 -16.12 -25.33 -37.06
CA VAL B 211 -15.43 -24.77 -38.21
C VAL B 211 -14.17 -25.59 -38.43
N ASP B 212 -13.95 -26.01 -39.67
CA ASP B 212 -12.67 -26.57 -40.12
C ASP B 212 -12.00 -25.52 -40.99
N LYS B 213 -10.71 -25.28 -40.78
CA LYS B 213 -9.96 -24.32 -41.57
C LYS B 213 -8.61 -24.93 -41.92
N LYS B 214 -8.37 -25.14 -43.22
CA LYS B 214 -7.04 -25.56 -43.66
C LYS B 214 -6.14 -24.35 -43.72
N VAL B 215 -4.91 -24.52 -43.24
CA VAL B 215 -3.95 -23.45 -43.11
C VAL B 215 -2.79 -23.76 -44.03
N GLU B 216 -2.61 -22.90 -45.02
CA GLU B 216 -1.60 -23.02 -46.05
C GLU B 216 -0.59 -21.90 -45.92
N PRO B 217 0.63 -22.09 -46.43
CA PRO B 217 1.63 -21.01 -46.41
C PRO B 217 1.26 -19.81 -47.28
N VAL C 2 -12.09 -0.09 6.23
CA VAL C 2 -11.05 -0.96 6.80
C VAL C 2 -10.35 -1.72 5.68
N VAL C 3 -9.03 -1.69 5.71
CA VAL C 3 -8.21 -2.22 4.64
C VAL C 3 -7.18 -3.16 5.25
N VAL C 4 -7.01 -4.34 4.63
CA VAL C 4 -6.06 -5.36 5.04
C VAL C 4 -5.01 -5.43 3.94
N THR C 5 -3.73 -5.30 4.32
CA THR C 5 -2.63 -5.11 3.37
C THR C 5 -1.63 -6.25 3.46
N GLN C 6 -1.24 -6.75 2.29
CA GLN C 6 -0.29 -7.84 2.16
C GLN C 6 0.76 -7.43 1.16
N GLU C 7 1.93 -8.07 1.23
CA GLU C 7 2.90 -7.90 0.15
C GLU C 7 2.27 -8.26 -1.18
N SER C 8 2.58 -7.49 -2.23
CA SER C 8 2.00 -7.81 -3.54
C SER C 8 2.61 -9.07 -4.10
N ALA C 9 3.92 -9.28 -3.89
CA ALA C 9 4.56 -10.45 -4.46
C ALA C 9 5.84 -10.73 -3.68
N LEU C 10 6.17 -12.02 -3.55
CA LEU C 10 7.39 -12.46 -2.87
C LEU C 10 8.00 -13.59 -3.66
N THR C 11 9.34 -13.68 -3.64
CA THR C 11 9.99 -14.78 -4.32
C THR C 11 10.85 -15.57 -3.33
N THR C 12 10.79 -16.89 -3.41
CA THR C 12 11.64 -17.74 -2.61
C THR C 12 12.09 -18.91 -3.47
N SER C 13 12.94 -19.78 -2.93
CA SER C 13 13.44 -20.96 -3.59
C SER C 13 13.05 -22.20 -2.82
N PRO C 14 13.00 -23.37 -3.47
CA PRO C 14 12.63 -24.60 -2.76
C PRO C 14 13.55 -24.85 -1.57
N GLY C 15 12.95 -25.28 -0.47
CA GLY C 15 13.69 -25.53 0.74
C GLY C 15 13.88 -24.32 1.66
N GLU C 16 13.66 -23.12 1.17
CA GLU C 16 13.88 -21.95 1.99
C GLU C 16 12.66 -21.72 2.88
N THR C 17 12.82 -20.77 3.79
CA THR C 17 11.73 -20.28 4.62
C THR C 17 11.30 -18.90 4.12
N VAL C 18 9.99 -18.74 3.89
CA VAL C 18 9.43 -17.47 3.45
C VAL C 18 8.26 -17.13 4.37
N THR C 19 8.14 -15.86 4.69
CA THR C 19 7.17 -15.32 5.62
C THR C 19 6.35 -14.25 4.92
N LEU C 20 5.04 -14.48 4.81
CA LEU C 20 4.08 -13.51 4.30
C LEU C 20 3.39 -12.82 5.48
N THR C 21 3.08 -11.53 5.30
CA THR C 21 2.48 -10.80 6.40
C THR C 21 1.19 -10.14 5.95
N CYS C 22 0.46 -9.68 6.96
CA CYS C 22 -0.93 -9.25 6.83
C CYS C 22 -1.17 -8.16 7.85
N ARG C 23 -1.44 -6.94 7.35
CA ARG C 23 -1.57 -5.78 8.22
C ARG C 23 -3.01 -5.27 8.21
N SER C 24 -3.41 -4.72 9.35
CA SER C 24 -4.73 -4.13 9.59
C SER C 24 -4.62 -2.61 9.66
N SER C 25 -5.48 -1.91 8.93
CA SER C 25 -5.52 -0.46 9.02
C SER C 25 -5.97 0.04 10.40
N THR C 26 -6.62 -0.78 11.20
CA THR C 26 -7.15 -0.29 12.47
C THR C 26 -6.13 -0.33 13.59
N GLY C 27 -4.89 -0.67 13.28
CA GLY C 27 -3.91 -0.85 14.33
C GLY C 27 -3.32 -2.25 14.29
N ALA C 28 -2.79 -2.69 15.43
CA ALA C 28 -2.11 -3.97 15.49
C ALA C 28 -3.10 -5.08 15.22
N VAL C 29 -2.68 -6.06 14.43
CA VAL C 29 -3.41 -7.32 14.34
C VAL C 29 -3.32 -8.03 15.68
N THR C 30 -4.43 -8.60 16.12
CA THR C 30 -4.51 -9.26 17.41
C THR C 30 -5.09 -10.65 17.21
N THR C 31 -5.03 -11.47 18.26
CA THR C 31 -5.55 -12.83 18.11
C THR C 31 -7.08 -12.84 17.92
N SER C 32 -7.80 -11.80 18.32
CA SER C 32 -9.23 -11.78 18.06
C SER C 32 -9.58 -11.31 16.64
N ASN C 33 -8.57 -11.13 15.79
CA ASN C 33 -8.77 -11.00 14.35
C ASN C 33 -8.78 -12.36 13.68
N TYR C 34 -8.41 -13.41 14.41
CA TYR C 34 -8.48 -14.78 13.94
C TYR C 34 -8.00 -14.92 12.50
N ALA C 35 -6.78 -14.45 12.26
CA ALA C 35 -6.28 -14.37 10.89
C ALA C 35 -6.39 -15.71 10.19
N ASN C 36 -7.02 -15.71 9.02
CA ASN C 36 -7.06 -16.85 8.13
C ASN C 36 -6.13 -16.63 6.96
N TRP C 37 -5.54 -17.71 6.48
CA TRP C 37 -4.77 -17.72 5.25
C TRP C 37 -5.35 -18.76 4.31
N VAL C 38 -5.52 -18.38 3.05
CA VAL C 38 -6.14 -19.22 2.04
C VAL C 38 -5.27 -19.16 0.80
N GLN C 39 -5.06 -20.31 0.19
CA GLN C 39 -4.24 -20.42 -1.01
C GLN C 39 -5.12 -20.52 -2.24
N GLU C 40 -4.83 -19.71 -3.23
CA GLU C 40 -5.49 -19.79 -4.53
C GLU C 40 -4.53 -20.35 -5.55
N LYS C 41 -4.89 -21.46 -6.17
CA LYS C 41 -4.18 -22.00 -7.32
C LYS C 41 -5.02 -21.90 -8.57
N PRO C 42 -4.38 -22.08 -9.74
CA PRO C 42 -5.08 -21.79 -10.99
C PRO C 42 -6.36 -22.57 -11.10
N ASP C 43 -7.34 -21.92 -11.74
CA ASP C 43 -8.66 -22.50 -11.99
C ASP C 43 -9.46 -22.39 -10.70
N HIS C 44 -9.28 -21.26 -9.99
CA HIS C 44 -10.14 -20.89 -8.86
C HIS C 44 -10.19 -21.99 -7.82
N LEU C 45 -9.02 -22.55 -7.49
CA LEU C 45 -8.91 -23.62 -6.52
C LEU C 45 -8.41 -23.00 -5.21
N PHE C 46 -9.32 -22.81 -4.25
CA PHE C 46 -9.00 -22.22 -2.96
C PHE C 46 -8.86 -23.32 -1.92
N THR C 47 -7.81 -23.21 -1.11
CA THR C 47 -7.53 -24.17 -0.04
C THR C 47 -7.29 -23.37 1.25
N GLY C 48 -8.07 -23.66 2.29
CA GLY C 48 -7.85 -23.00 3.57
C GLY C 48 -6.61 -23.59 4.21
N LEU C 49 -5.73 -22.72 4.70
CA LEU C 49 -4.46 -23.16 5.29
C LEU C 49 -4.44 -22.99 6.81
N ILE C 50 -4.70 -21.76 7.26
CA ILE C 50 -4.57 -21.41 8.66
C ILE C 50 -5.82 -20.62 9.06
N GLY C 51 -6.30 -20.84 10.26
CA GLY C 51 -7.34 -20.02 10.81
C GLY C 51 -7.38 -20.09 12.31
N GLY C 52 -8.38 -19.46 12.85
CA GLY C 52 -8.63 -19.53 14.29
C GLY C 52 -7.47 -18.82 14.94
N ILE C 53 -6.84 -19.51 15.90
CA ILE C 53 -5.62 -19.01 16.53
C ILE C 53 -4.44 -19.84 16.06
N ASN C 54 -3.89 -19.52 14.88
CA ASN C 54 -2.74 -20.24 14.37
C ASN C 54 -3.00 -21.72 14.15
N ASN C 55 -4.22 -22.10 13.82
CA ASN C 55 -4.54 -23.50 13.66
C ASN C 55 -4.44 -23.91 12.20
N ARG C 56 -3.72 -25.01 11.92
CA ARG C 56 -3.65 -25.58 10.58
C ARG C 56 -4.92 -26.34 10.25
N ALA C 57 -5.47 -26.11 9.07
CA ALA C 57 -6.68 -26.80 8.66
C ALA C 57 -6.39 -28.28 8.40
N PRO C 58 -7.41 -29.13 8.44
CA PRO C 58 -7.16 -30.57 8.28
C PRO C 58 -6.56 -30.85 6.91
N GLY C 59 -5.59 -31.76 6.88
CA GLY C 59 -4.94 -32.12 5.64
C GLY C 59 -3.88 -31.15 5.14
N VAL C 60 -3.76 -29.96 5.75
CA VAL C 60 -2.78 -28.98 5.26
C VAL C 60 -1.38 -29.46 5.61
N PRO C 61 -0.39 -29.36 4.71
CA PRO C 61 0.96 -29.83 5.06
C PRO C 61 1.57 -29.08 6.23
N ALA C 62 2.44 -29.80 6.95
CA ALA C 62 3.02 -29.27 8.18
C ALA C 62 3.90 -28.04 7.94
N ARG C 63 4.38 -27.83 6.71
CA ARG C 63 5.29 -26.72 6.49
C ARG C 63 4.60 -25.36 6.55
N PHE C 64 3.26 -25.33 6.59
CA PHE C 64 2.53 -24.07 6.76
C PHE C 64 2.23 -23.81 8.25
N SER C 65 2.51 -22.61 8.73
CA SER C 65 2.13 -22.26 10.09
C SER C 65 1.83 -20.77 10.17
N GLY C 66 1.00 -20.42 11.15
CA GLY C 66 0.68 -19.01 11.34
C GLY C 66 1.13 -18.49 12.70
N SER C 67 1.31 -17.17 12.81
CA SER C 67 1.80 -16.54 14.04
C SER C 67 1.52 -15.04 13.89
N LEU C 68 1.70 -14.33 14.99
CA LEU C 68 1.78 -12.87 14.95
C LEU C 68 3.23 -12.47 14.99
N ILE C 69 3.59 -11.50 14.16
CA ILE C 69 4.95 -10.94 14.10
C ILE C 69 4.79 -9.44 14.25
N ALA C 70 5.26 -8.91 15.37
CA ALA C 70 5.08 -7.47 15.65
C ALA C 70 3.58 -7.20 15.63
N ASP C 71 3.11 -6.21 14.89
CA ASP C 71 1.70 -5.89 14.87
C ASP C 71 1.01 -6.45 13.64
N LYS C 72 1.53 -7.54 13.08
CA LYS C 72 0.98 -8.14 11.87
C LYS C 72 0.75 -9.63 12.07
N ALA C 73 -0.20 -10.16 11.30
CA ALA C 73 -0.32 -11.60 11.18
C ALA C 73 0.71 -12.10 10.16
N ALA C 74 1.17 -13.34 10.36
CA ALA C 74 2.13 -13.92 9.44
C ALA C 74 1.82 -15.38 9.09
N LEU C 75 2.08 -15.71 7.84
CA LEU C 75 2.10 -17.09 7.35
C LEU C 75 3.55 -17.45 7.07
N THR C 76 4.03 -18.52 7.69
CA THR C 76 5.38 -19.00 7.43
C THR C 76 5.28 -20.30 6.65
N ILE C 77 6.02 -20.38 5.52
CA ILE C 77 6.23 -21.65 4.83
C ILE C 77 7.67 -22.06 5.08
N THR C 78 7.82 -23.14 5.84
CA THR C 78 9.13 -23.63 6.31
C THR C 78 9.53 -24.80 5.40
N GLY C 79 10.42 -24.53 4.46
CA GLY C 79 10.81 -25.54 3.50
C GLY C 79 9.87 -25.50 2.31
N ALA C 80 9.82 -24.34 1.66
CA ALA C 80 8.88 -24.16 0.55
C ALA C 80 9.10 -25.20 -0.55
N GLN C 81 8.00 -25.63 -1.14
CA GLN C 81 8.04 -26.59 -2.25
CA GLN C 81 8.05 -26.58 -2.25
C GLN C 81 7.59 -25.93 -3.55
N THR C 82 8.05 -26.50 -4.67
CA THR C 82 7.66 -25.96 -5.96
C THR C 82 6.14 -25.78 -6.08
N GLU C 83 5.38 -26.73 -5.56
CA GLU C 83 3.91 -26.66 -5.69
C GLU C 83 3.28 -25.56 -4.83
N ASP C 84 4.08 -24.84 -4.05
CA ASP C 84 3.54 -23.75 -3.23
C ASP C 84 3.51 -22.43 -3.98
N GLU C 85 4.01 -22.39 -5.22
CA GLU C 85 3.84 -21.22 -6.06
C GLU C 85 2.36 -21.05 -6.34
N ALA C 86 1.82 -19.91 -5.89
CA ALA C 86 0.37 -19.70 -5.78
C ALA C 86 0.10 -18.30 -5.23
N ILE C 87 -1.17 -17.91 -5.14
CA ILE C 87 -1.52 -16.66 -4.49
C ILE C 87 -2.02 -17.00 -3.10
N TYR C 88 -1.66 -16.15 -2.12
CA TYR C 88 -2.02 -16.34 -0.70
C TYR C 88 -2.79 -15.12 -0.20
N PHE C 89 -4.04 -15.35 0.21
CA PHE C 89 -4.87 -14.31 0.80
C PHE C 89 -4.96 -14.47 2.29
N CYS C 90 -4.94 -13.35 2.98
CA CYS C 90 -5.26 -13.34 4.41
CA CYS C 90 -5.24 -13.29 4.40
C CYS C 90 -6.60 -12.67 4.60
N ALA C 91 -7.30 -13.09 5.65
CA ALA C 91 -8.55 -12.47 6.02
C ALA C 91 -8.52 -12.24 7.51
N LEU C 92 -9.01 -11.08 7.94
CA LEU C 92 -9.11 -10.72 9.35
C LEU C 92 -10.56 -10.49 9.72
N TRP C 93 -10.90 -10.88 10.94
CA TRP C 93 -12.23 -10.78 11.51
C TRP C 93 -12.35 -9.50 12.33
N TYR C 94 -13.40 -8.72 12.08
CA TYR C 94 -13.62 -7.44 12.79
C TYR C 94 -15.01 -7.46 13.43
N SER C 95 -15.16 -8.23 14.52
CA SER C 95 -16.38 -8.36 15.32
C SER C 95 -17.54 -9.09 14.61
N ASN C 96 -17.84 -8.71 13.36
CA ASN C 96 -19.00 -9.29 12.70
C ASN C 96 -18.83 -9.44 11.19
N HIS C 97 -17.63 -9.29 10.65
CA HIS C 97 -17.41 -9.59 9.25
C HIS C 97 -15.93 -9.86 9.04
N TRP C 98 -15.63 -10.53 7.92
CA TRP C 98 -14.27 -10.75 7.47
C TRP C 98 -13.90 -9.71 6.43
N VAL C 99 -12.66 -9.24 6.47
CA VAL C 99 -12.09 -8.43 5.41
C VAL C 99 -10.88 -9.16 4.87
N PHE C 100 -10.81 -9.29 3.54
CA PHE C 100 -9.71 -9.95 2.86
C PHE C 100 -8.65 -8.94 2.44
N GLY C 101 -7.39 -9.33 2.57
CA GLY C 101 -6.33 -8.60 1.90
C GLY C 101 -6.30 -8.80 0.38
N GLY C 102 -5.36 -8.08 -0.26
CA GLY C 102 -5.25 -8.11 -1.71
C GLY C 102 -4.55 -9.32 -2.30
N GLY C 103 -3.98 -10.18 -1.46
CA GLY C 103 -3.26 -11.35 -1.92
C GLY C 103 -1.79 -11.06 -2.14
N THR C 104 -0.97 -12.11 -1.95
CA THR C 104 0.46 -12.12 -2.28
C THR C 104 0.74 -13.19 -3.33
N LYS C 105 1.32 -12.78 -4.44
CA LYS C 105 1.74 -13.76 -5.44
C LYS C 105 3.09 -14.28 -5.01
N LEU C 106 3.16 -15.57 -4.68
CA LEU C 106 4.40 -16.21 -4.26
C LEU C 106 4.98 -16.99 -5.42
N THR C 107 6.18 -16.62 -5.84
CA THR C 107 6.98 -17.40 -6.77
C THR C 107 7.94 -18.29 -5.95
N VAL C 108 7.95 -19.58 -6.24
CA VAL C 108 8.90 -20.51 -5.67
C VAL C 108 9.73 -21.04 -6.84
N LEU C 109 11.03 -20.72 -6.84
CA LEU C 109 11.82 -20.90 -8.06
C LEU C 109 12.25 -22.36 -8.21
N GLY C 110 11.28 -23.20 -8.47
CA GLY C 110 11.51 -24.63 -8.61
C GLY C 110 11.57 -25.09 -10.04
N GLN C 111 11.34 -24.21 -10.97
CA GLN C 111 11.63 -24.55 -12.35
C GLN C 111 12.82 -23.72 -12.84
N PRO C 112 13.58 -24.20 -13.81
CA PRO C 112 14.62 -23.33 -14.39
C PRO C 112 14.00 -22.11 -15.06
N LYS C 113 14.63 -20.96 -14.85
CA LYS C 113 14.17 -19.72 -15.43
C LYS C 113 14.38 -19.75 -16.94
N ALA C 114 13.54 -18.99 -17.64
CA ALA C 114 13.66 -18.91 -19.09
C ALA C 114 12.90 -17.71 -19.59
N ALA C 115 13.55 -16.99 -20.49
CA ALA C 115 12.90 -15.96 -21.28
C ALA C 115 11.93 -16.57 -22.29
N PRO C 116 10.93 -15.82 -22.68
CA PRO C 116 9.89 -16.41 -23.52
C PRO C 116 10.35 -16.67 -24.94
N SER C 117 9.71 -17.66 -25.55
CA SER C 117 9.67 -17.77 -27.00
C SER C 117 8.47 -16.98 -27.51
N VAL C 118 8.67 -16.16 -28.55
CA VAL C 118 7.66 -15.21 -29.01
C VAL C 118 7.42 -15.48 -30.48
N THR C 119 6.17 -15.67 -30.87
CA THR C 119 5.80 -15.80 -32.27
C THR C 119 4.78 -14.72 -32.56
N LEU C 120 5.00 -13.96 -33.64
CA LEU C 120 4.10 -12.87 -33.99
C LEU C 120 3.55 -13.12 -35.38
N PHE C 121 2.20 -13.09 -35.48
CA PHE C 121 1.53 -13.29 -36.76
C PHE C 121 0.88 -11.99 -37.22
N PRO C 122 1.02 -11.64 -38.49
CA PRO C 122 0.29 -10.48 -39.02
C PRO C 122 -1.16 -10.84 -39.26
N PRO C 123 -1.99 -9.86 -39.59
CA PRO C 123 -3.35 -10.15 -40.05
C PRO C 123 -3.35 -11.08 -41.26
N SER C 124 -4.30 -12.02 -41.29
CA SER C 124 -4.49 -12.82 -42.50
C SER C 124 -5.18 -12.01 -43.61
N SER C 125 -4.88 -12.37 -44.86
CA SER C 125 -5.60 -11.77 -45.97
C SER C 125 -7.10 -11.94 -45.80
N GLU C 126 -7.50 -13.11 -45.31
CA GLU C 126 -8.93 -13.37 -45.14
C GLU C 126 -9.55 -12.40 -44.14
N GLU C 127 -8.84 -12.12 -43.04
CA GLU C 127 -9.44 -11.22 -42.07
C GLU C 127 -9.46 -9.80 -42.63
N LEU C 128 -8.45 -9.42 -43.40
CA LEU C 128 -8.49 -8.10 -44.03
C LEU C 128 -9.67 -7.97 -44.98
N GLN C 129 -10.08 -9.05 -45.61
CA GLN C 129 -11.27 -8.98 -46.48
C GLN C 129 -12.55 -8.82 -45.67
N ALA C 130 -12.52 -9.18 -44.40
CA ALA C 130 -13.60 -8.92 -43.47
C ALA C 130 -13.46 -7.55 -42.81
N ASN C 131 -12.55 -6.74 -43.33
CA ASN C 131 -12.39 -5.34 -42.94
C ASN C 131 -11.87 -5.22 -41.52
N LYS C 132 -11.07 -6.21 -41.09
CA LYS C 132 -10.45 -6.15 -39.78
C LYS C 132 -8.98 -6.56 -39.89
N ALA C 133 -8.23 -6.30 -38.82
CA ALA C 133 -6.80 -6.61 -38.81
C ALA C 133 -6.39 -6.90 -37.37
N THR C 134 -6.00 -8.14 -37.08
CA THR C 134 -5.52 -8.52 -35.75
C THR C 134 -4.10 -9.06 -35.89
N LEU C 135 -3.17 -8.43 -35.19
CA LEU C 135 -1.85 -8.98 -34.99
C LEU C 135 -1.86 -9.81 -33.71
N VAL C 136 -1.26 -11.01 -33.76
CA VAL C 136 -1.34 -11.97 -32.66
C VAL C 136 0.07 -12.25 -32.17
N CYS C 137 0.34 -11.98 -30.89
CA CYS C 137 1.67 -12.18 -30.29
C CYS C 137 1.56 -13.27 -29.24
N LEU C 138 2.17 -14.42 -29.53
CA LEU C 138 2.09 -15.60 -28.67
C LEU C 138 3.38 -15.75 -27.91
N ILE C 139 3.28 -15.78 -26.58
CA ILE C 139 4.40 -15.68 -25.68
C ILE C 139 4.41 -16.94 -24.85
N SER C 140 5.46 -17.75 -24.98
CA SER C 140 5.38 -19.07 -24.38
C SER C 140 6.66 -19.46 -23.67
N ASP C 141 6.47 -20.39 -22.73
CA ASP C 141 7.55 -21.12 -22.10
C ASP C 141 8.48 -20.20 -21.32
N PHE C 142 7.92 -19.29 -20.55
CA PHE C 142 8.73 -18.43 -19.70
C PHE C 142 8.51 -18.69 -18.21
N TYR C 143 9.53 -18.37 -17.44
CA TYR C 143 9.52 -18.56 -16.01
C TYR C 143 10.56 -17.62 -15.40
N PRO C 144 10.24 -16.86 -14.36
CA PRO C 144 8.96 -16.76 -13.64
C PRO C 144 7.85 -16.21 -14.49
N GLY C 145 6.64 -16.31 -13.97
CA GLY C 145 5.45 -16.00 -14.74
C GLY C 145 5.00 -14.57 -14.74
N ALA C 146 5.88 -13.65 -15.12
CA ALA C 146 5.54 -12.24 -15.24
C ALA C 146 6.21 -11.68 -16.46
N VAL C 147 5.44 -11.06 -17.36
CA VAL C 147 6.04 -10.37 -18.49
C VAL C 147 5.32 -9.03 -18.68
N THR C 148 6.02 -8.14 -19.36
CA THR C 148 5.51 -6.86 -19.84
C THR C 148 5.50 -6.92 -21.36
N VAL C 149 4.40 -6.51 -21.97
CA VAL C 149 4.27 -6.53 -23.43
C VAL C 149 4.07 -5.10 -23.92
N ALA C 150 4.90 -4.69 -24.88
CA ALA C 150 4.80 -3.39 -25.53
C ALA C 150 4.71 -3.57 -27.04
N TRP C 151 3.82 -2.83 -27.69
CA TRP C 151 3.76 -2.85 -29.15
C TRP C 151 4.31 -1.57 -29.75
N LYS C 152 4.87 -1.69 -30.95
CA LYS C 152 5.46 -0.58 -31.68
C LYS C 152 4.91 -0.58 -33.10
N ALA C 153 4.58 0.59 -33.62
CA ALA C 153 4.31 0.80 -35.04
C ALA C 153 5.53 1.48 -35.65
N ASP C 154 6.20 0.80 -36.58
CA ASP C 154 7.54 1.19 -36.98
C ASP C 154 8.34 1.27 -35.70
N SER C 155 8.93 2.41 -35.37
CA SER C 155 9.69 2.51 -34.13
C SER C 155 8.96 3.33 -33.07
N SER C 156 7.64 3.48 -33.18
CA SER C 156 6.88 4.34 -32.28
C SER C 156 5.87 3.54 -31.48
N PRO C 157 5.67 3.88 -30.20
CA PRO C 157 4.80 3.06 -29.35
C PRO C 157 3.36 3.09 -29.82
N VAL C 158 2.72 1.92 -29.74
CA VAL C 158 1.31 1.78 -30.06
C VAL C 158 0.51 2.07 -28.81
N LYS C 159 -0.42 3.01 -28.92
CA LYS C 159 -1.05 3.62 -27.75
C LYS C 159 -2.49 3.17 -27.56
N ALA C 160 -3.02 2.31 -28.43
CA ALA C 160 -4.40 1.86 -28.32
C ALA C 160 -4.59 0.56 -29.10
N GLY C 161 -5.60 -0.20 -28.71
CA GLY C 161 -5.99 -1.41 -29.42
C GLY C 161 -5.31 -2.68 -28.93
N VAL C 162 -4.59 -2.60 -27.83
CA VAL C 162 -3.83 -3.78 -27.32
C VAL C 162 -4.62 -4.47 -26.23
N GLU C 163 -4.67 -5.79 -26.25
CA GLU C 163 -5.32 -6.60 -25.19
C GLU C 163 -4.41 -7.78 -24.89
N THR C 164 -3.93 -7.89 -23.66
CA THR C 164 -2.97 -8.94 -23.27
C THR C 164 -3.56 -9.81 -22.17
N THR C 165 -3.42 -11.12 -22.28
CA THR C 165 -3.91 -12.01 -21.24
C THR C 165 -2.95 -12.01 -20.04
N THR C 166 -3.49 -12.42 -18.90
CA THR C 166 -2.64 -12.71 -17.76
C THR C 166 -1.91 -14.04 -18.00
N PRO C 167 -0.65 -14.14 -17.59
CA PRO C 167 0.07 -15.41 -17.77
C PRO C 167 -0.65 -16.58 -17.12
N SER C 168 -0.53 -17.74 -17.77
CA SER C 168 -1.18 -18.97 -17.32
C SER C 168 -0.17 -20.10 -17.37
N LYS C 169 -0.31 -21.02 -16.42
CA LYS C 169 0.63 -22.13 -16.30
C LYS C 169 0.42 -23.16 -17.41
N GLN C 170 1.53 -23.56 -18.03
CA GLN C 170 1.61 -24.66 -18.97
C GLN C 170 1.77 -25.98 -18.21
N SER C 171 1.74 -27.08 -18.96
CA SER C 171 1.92 -28.40 -18.37
C SER C 171 3.25 -28.51 -17.64
N ASN C 172 4.31 -27.99 -18.24
CA ASN C 172 5.64 -28.05 -17.62
C ASN C 172 5.81 -26.98 -16.56
N ASN C 173 4.75 -26.28 -16.21
CA ASN C 173 4.71 -25.32 -15.11
C ASN C 173 5.58 -24.11 -15.37
N LYS C 174 6.02 -23.89 -16.61
CA LYS C 174 6.35 -22.54 -17.09
C LYS C 174 5.04 -21.86 -17.51
N TYR C 175 5.13 -20.65 -18.03
CA TYR C 175 3.95 -19.85 -18.32
C TYR C 175 3.84 -19.46 -19.77
N ALA C 176 2.60 -19.13 -20.17
CA ALA C 176 2.31 -18.60 -21.51
C ALA C 176 1.33 -17.43 -21.37
N ALA C 177 1.37 -16.56 -22.38
CA ALA C 177 0.46 -15.43 -22.45
C ALA C 177 0.30 -15.08 -23.93
N SER C 178 -0.68 -14.24 -24.23
CA SER C 178 -0.85 -13.79 -25.61
C SER C 178 -1.29 -12.34 -25.57
N SER C 179 -0.95 -11.62 -26.64
CA SER C 179 -1.30 -10.21 -26.77
C SER C 179 -1.79 -9.99 -28.19
N TYR C 180 -2.93 -9.29 -28.31
CA TYR C 180 -3.59 -9.00 -29.57
C TYR C 180 -3.59 -7.50 -29.82
N LEU C 181 -3.17 -7.08 -31.02
CA LEU C 181 -3.25 -5.68 -31.42
C LEU C 181 -4.29 -5.59 -32.52
N SER C 182 -5.35 -4.81 -32.27
CA SER C 182 -6.48 -4.69 -33.19
C SER C 182 -6.37 -3.38 -33.96
N LEU C 183 -6.32 -3.49 -35.28
CA LEU C 183 -6.16 -2.35 -36.16
C LEU C 183 -7.25 -2.37 -37.22
N THR C 184 -7.50 -1.22 -37.81
CA THR C 184 -8.21 -1.25 -39.08
C THR C 184 -7.24 -1.67 -40.18
N PRO C 185 -7.76 -2.22 -41.27
CA PRO C 185 -6.87 -2.50 -42.42
C PRO C 185 -6.06 -1.26 -42.82
N GLU C 186 -6.67 -0.08 -42.81
CA GLU C 186 -5.95 1.15 -43.13
C GLU C 186 -4.77 1.41 -42.20
N GLN C 187 -4.96 1.19 -40.89
CA GLN C 187 -3.88 1.37 -39.96
C GLN C 187 -2.77 0.36 -40.21
N TRP C 188 -3.13 -0.89 -40.47
CA TRP C 188 -2.12 -1.93 -40.74
C TRP C 188 -1.24 -1.52 -41.91
N LYS C 189 -1.85 -0.95 -42.96
CA LYS C 189 -1.17 -0.54 -44.18
C LYS C 189 -0.44 0.79 -44.03
N SER C 190 -0.49 1.43 -42.83
CA SER C 190 0.08 2.74 -42.61
C SER C 190 1.53 2.73 -42.13
N HIS C 191 2.11 1.57 -41.84
CA HIS C 191 3.49 1.52 -41.35
C HIS C 191 4.29 0.47 -42.10
N ARG C 192 5.61 0.62 -42.03
CA ARG C 192 6.48 -0.36 -42.66
C ARG C 192 6.57 -1.63 -41.84
N SER C 193 6.40 -1.52 -40.52
CA SER C 193 6.48 -2.68 -39.67
C SER C 193 5.71 -2.42 -38.38
N TYR C 194 5.30 -3.52 -37.76
CA TYR C 194 4.80 -3.53 -36.39
C TYR C 194 5.64 -4.51 -35.59
N SER C 195 5.82 -4.22 -34.30
CA SER C 195 6.62 -5.07 -33.43
C SER C 195 5.90 -5.37 -32.12
N CYS C 196 6.08 -6.61 -31.64
CA CYS C 196 5.65 -7.02 -30.32
C CYS C 196 6.90 -7.24 -29.48
N GLN C 197 6.99 -6.51 -28.36
CA GLN C 197 8.19 -6.49 -27.53
C GLN C 197 7.81 -6.99 -26.14
N VAL C 198 8.43 -8.11 -25.71
CA VAL C 198 8.09 -8.75 -24.45
C VAL C 198 9.27 -8.59 -23.51
N THR C 199 9.01 -8.07 -22.32
CA THR C 199 10.03 -7.85 -21.32
C THR C 199 9.89 -8.90 -20.22
N HIS C 200 11.01 -9.56 -19.92
CA HIS C 200 11.05 -10.62 -18.91
C HIS C 200 12.36 -10.51 -18.13
N GLU C 201 12.27 -10.54 -16.81
CA GLU C 201 13.41 -10.35 -15.91
C GLU C 201 14.37 -9.31 -16.49
N GLY C 202 13.79 -8.13 -16.78
CA GLY C 202 14.48 -6.97 -17.30
C GLY C 202 15.04 -7.10 -18.71
N SER C 203 15.04 -8.29 -19.29
CA SER C 203 15.50 -8.51 -20.66
C SER C 203 14.31 -8.51 -21.61
N THR C 204 14.61 -8.45 -22.89
CA THR C 204 13.55 -8.16 -23.85
C THR C 204 13.71 -8.96 -25.11
N VAL C 205 12.57 -9.46 -25.60
CA VAL C 205 12.48 -10.18 -26.87
C VAL C 205 11.50 -9.41 -27.75
N GLU C 206 11.90 -9.13 -28.99
CA GLU C 206 11.12 -8.37 -29.95
C GLU C 206 10.96 -9.13 -31.27
N LYS C 207 9.72 -9.26 -31.75
CA LYS C 207 9.46 -9.79 -33.08
C LYS C 207 8.68 -8.76 -33.89
N THR C 208 8.82 -8.84 -35.20
CA THR C 208 8.39 -7.79 -36.10
C THR C 208 7.73 -8.41 -37.32
N VAL C 209 6.66 -7.77 -37.80
CA VAL C 209 6.02 -8.14 -39.05
C VAL C 209 5.83 -6.88 -39.89
N ALA C 210 5.72 -7.08 -41.21
CA ALA C 210 5.61 -5.98 -42.15
C ALA C 210 4.48 -6.23 -43.13
N PRO C 211 3.63 -5.23 -43.40
CA PRO C 211 2.52 -5.44 -44.34
C PRO C 211 2.99 -5.91 -45.69
N THR C 212 4.16 -5.46 -46.12
CA THR C 212 4.77 -5.88 -47.37
C THR C 212 5.46 -7.22 -47.19
N VAL D 2 3.86 32.55 31.05
CA VAL D 2 4.88 31.75 31.72
C VAL D 2 5.67 30.99 30.66
N VAL D 3 7.00 31.01 30.75
CA VAL D 3 7.83 30.51 29.66
C VAL D 3 8.88 29.54 30.22
N VAL D 4 9.05 28.41 29.56
CA VAL D 4 10.05 27.40 29.96
C VAL D 4 11.09 27.34 28.87
N THR D 5 12.36 27.55 29.25
CA THR D 5 13.45 27.73 28.29
C THR D 5 14.46 26.60 28.40
N GLN D 6 14.81 26.06 27.22
CA GLN D 6 15.76 24.97 27.09
C GLN D 6 16.81 25.39 26.07
N GLU D 7 17.98 24.78 26.15
CA GLU D 7 18.95 24.95 25.08
C GLU D 7 18.36 24.51 23.75
N SER D 8 18.63 25.26 22.69
CA SER D 8 18.11 24.86 21.38
C SER D 8 18.74 23.57 20.87
N ALA D 9 20.06 23.40 21.08
CA ALA D 9 20.75 22.24 20.56
C ALA D 9 22.04 22.02 21.35
N LEU D 10 22.39 20.76 21.50
CA LEU D 10 23.61 20.36 22.17
C LEU D 10 24.21 19.19 21.43
N THR D 11 25.56 19.07 21.48
CA THR D 11 26.26 17.97 20.87
C THR D 11 27.10 17.25 21.91
N THR D 12 27.09 15.93 21.87
CA THR D 12 27.95 15.11 22.71
C THR D 12 28.41 13.92 21.87
N SER D 13 29.26 13.08 22.46
CA SER D 13 29.77 11.89 21.79
C SER D 13 29.42 10.67 22.60
N PRO D 14 29.44 9.49 21.96
CA PRO D 14 29.11 8.26 22.72
C PRO D 14 30.01 8.08 23.94
N GLY D 15 29.39 7.67 25.04
CA GLY D 15 30.08 7.44 26.28
C GLY D 15 30.25 8.65 27.17
N GLU D 16 30.03 9.84 26.64
CA GLU D 16 30.19 11.08 27.38
CA GLU D 16 30.20 11.07 27.39
C GLU D 16 28.96 11.36 28.25
N THR D 17 29.10 12.35 29.13
CA THR D 17 28.00 12.87 29.94
C THR D 17 27.54 14.19 29.35
N VAL D 18 26.22 14.31 29.13
CA VAL D 18 25.66 15.58 28.71
C VAL D 18 24.50 15.94 29.63
N THR D 19 24.34 17.22 29.85
CA THR D 19 23.34 17.75 30.77
C THR D 19 22.50 18.77 30.04
N LEU D 20 21.19 18.53 30.01
CA LEU D 20 20.23 19.44 29.44
C LEU D 20 19.51 20.18 30.56
N THR D 21 19.17 21.45 30.32
CA THR D 21 18.56 22.23 31.39
C THR D 21 17.25 22.86 30.93
N CYS D 22 16.48 23.27 31.93
CA CYS D 22 15.07 23.63 31.81
C CYS D 22 14.81 24.74 32.82
N ARG D 23 14.59 25.95 32.32
CA ARG D 23 14.49 27.13 33.16
C ARG D 23 13.04 27.61 33.17
N SER D 24 12.62 28.16 34.30
CA SER D 24 11.29 28.75 34.42
C SER D 24 11.37 30.28 34.48
N SER D 25 10.49 30.95 33.76
CA SER D 25 10.43 32.40 33.85
C SER D 25 9.94 32.88 35.22
N THR D 26 9.30 32.02 36.03
CA THR D 26 8.75 32.44 37.31
C THR D 26 9.77 32.48 38.44
N GLY D 27 10.98 31.99 38.21
CA GLY D 27 11.94 31.92 39.28
C GLY D 27 12.55 30.55 39.28
N ALA D 28 13.15 30.21 40.41
CA ALA D 28 13.81 28.93 40.55
C ALA D 28 12.81 27.80 40.31
N VAL D 29 13.24 26.79 39.55
CA VAL D 29 12.54 25.51 39.49
C VAL D 29 12.66 24.79 40.83
N THR D 30 11.54 24.24 41.28
CA THR D 30 11.51 23.52 42.52
C THR D 30 11.02 22.09 42.29
N THR D 31 11.08 21.30 43.35
CA THR D 31 10.65 19.91 43.26
C THR D 31 9.16 19.83 42.99
N SER D 32 8.39 20.83 43.42
CA SER D 32 6.96 20.87 43.18
C SER D 32 6.60 21.31 41.78
N ASN D 33 7.58 21.55 40.91
CA ASN D 33 7.32 21.64 39.49
C ASN D 33 7.34 20.28 38.81
N TYR D 34 7.71 19.23 39.52
CA TYR D 34 7.70 17.86 39.05
C TYR D 34 8.18 17.76 37.60
N ALA D 35 9.39 18.25 37.36
CA ALA D 35 9.90 18.38 36.01
C ALA D 35 9.80 17.06 35.26
N ASN D 36 9.18 17.11 34.09
CA ASN D 36 9.12 15.95 33.20
C ASN D 36 10.06 16.16 32.04
N TRP D 37 10.61 15.05 31.56
CA TRP D 37 11.40 15.04 30.34
C TRP D 37 10.85 13.99 29.41
N VAL D 38 10.63 14.39 28.17
CA VAL D 38 9.98 13.57 27.15
C VAL D 38 10.87 13.59 25.92
N GLN D 39 11.15 12.42 25.37
CA GLN D 39 12.00 12.30 24.18
C GLN D 39 11.12 12.17 22.95
N GLU D 40 11.41 12.97 21.92
CA GLU D 40 10.74 12.89 20.63
C GLU D 40 11.70 12.32 19.61
N LYS D 41 11.34 11.17 19.05
CA LYS D 41 12.08 10.56 17.95
C LYS D 41 11.26 10.64 16.67
N PRO D 42 11.89 10.44 15.53
CA PRO D 42 11.17 10.73 14.26
C PRO D 42 9.91 9.90 14.12
N ASP D 43 8.96 10.46 13.34
CA ASP D 43 7.62 9.96 13.15
C ASP D 43 6.78 10.10 14.44
N HIS D 44 6.94 11.23 15.13
CA HIS D 44 6.12 11.55 16.32
C HIS D 44 6.11 10.43 17.33
N LEU D 45 7.29 9.94 17.67
CA LEU D 45 7.44 8.87 18.63
C LEU D 45 7.88 9.54 19.94
N PHE D 46 6.96 9.69 20.87
CA PHE D 46 7.27 10.35 22.14
C PHE D 46 7.41 9.30 23.24
N THR D 47 8.47 9.44 24.06
CA THR D 47 8.74 8.54 25.17
C THR D 47 8.94 9.36 26.45
N GLY D 48 8.10 9.13 27.46
CA GLY D 48 8.38 9.75 28.75
C GLY D 48 9.62 9.15 29.38
N LEU D 49 10.53 10.02 29.84
CA LEU D 49 11.78 9.58 30.44
C LEU D 49 11.77 9.76 31.96
N ILE D 50 11.55 11.00 32.41
CA ILE D 50 11.65 11.36 33.81
C ILE D 50 10.38 12.12 34.19
N GLY D 51 9.87 11.90 35.41
CA GLY D 51 8.81 12.73 35.93
C GLY D 51 8.73 12.63 37.42
N GLY D 52 7.60 13.08 37.98
CA GLY D 52 7.46 13.05 39.42
C GLY D 52 8.60 13.82 40.07
N ILE D 53 9.30 13.16 41.01
CA ILE D 53 10.50 13.73 41.62
CA ILE D 53 10.50 13.73 41.62
C ILE D 53 11.70 12.90 41.17
N ASN D 54 12.26 13.25 40.00
CA ASN D 54 13.41 12.55 39.46
C ASN D 54 13.20 11.05 39.29
N ASN D 55 12.00 10.66 38.95
CA ASN D 55 11.66 9.25 38.78
C ASN D 55 11.75 8.85 37.33
N ARG D 56 12.52 7.78 37.06
CA ARG D 56 12.64 7.21 35.73
C ARG D 56 11.39 6.42 35.39
N ALA D 57 10.86 6.65 34.21
CA ALA D 57 9.68 5.90 33.79
C ALA D 57 10.04 4.44 33.55
N PRO D 58 9.03 3.57 33.54
CA PRO D 58 9.30 2.14 33.37
C PRO D 58 9.98 1.84 32.04
N GLY D 59 11.00 1.01 32.10
CA GLY D 59 11.74 0.62 30.91
C GLY D 59 12.78 1.61 30.43
N VAL D 60 12.86 2.79 31.02
CA VAL D 60 13.80 3.82 30.53
C VAL D 60 15.20 3.43 30.96
N PRO D 61 16.20 3.55 30.11
CA PRO D 61 17.53 3.09 30.51
C PRO D 61 18.07 3.88 31.70
N ALA D 62 18.89 3.19 32.49
CA ALA D 62 19.42 3.77 33.72
C ALA D 62 20.26 5.01 33.49
N ARG D 63 20.80 5.23 32.28
CA ARG D 63 21.68 6.37 32.04
C ARG D 63 20.96 7.72 32.04
N PHE D 64 19.64 7.75 32.05
CA PHE D 64 18.89 8.98 32.14
C PHE D 64 18.57 9.25 33.61
N SER D 65 18.84 10.47 34.08
CA SER D 65 18.46 10.86 35.42
C SER D 65 18.09 12.33 35.45
N GLY D 66 17.23 12.69 36.41
CA GLY D 66 16.83 14.07 36.54
C GLY D 66 17.31 14.63 37.87
N SER D 67 17.47 15.95 37.94
CA SER D 67 17.90 16.62 39.16
C SER D 67 17.61 18.11 39.00
N LEU D 68 17.87 18.84 40.08
CA LEU D 68 17.96 20.29 40.03
C LEU D 68 19.41 20.72 40.01
N ILE D 69 19.72 21.68 39.15
CA ILE D 69 21.06 22.30 39.11
C ILE D 69 20.86 23.79 39.25
N ALA D 70 21.28 24.35 40.39
CA ALA D 70 21.05 25.75 40.68
C ALA D 70 19.55 25.99 40.56
N ASP D 71 19.10 26.98 39.81
CA ASP D 71 17.69 27.31 39.73
C ASP D 71 16.97 26.62 38.60
N LYS D 72 17.57 25.61 37.97
CA LYS D 72 17.01 24.97 36.80
C LYS D 72 16.76 23.50 37.06
N ALA D 73 15.85 22.89 36.29
CA ALA D 73 15.78 21.44 36.25
C ALA D 73 16.80 20.93 35.21
N ALA D 74 17.23 19.69 35.41
CA ALA D 74 18.26 19.13 34.54
C ALA D 74 17.97 17.68 34.23
N LEU D 75 18.26 17.30 32.99
CA LEU D 75 18.30 15.91 32.57
C LEU D 75 19.74 15.59 32.26
N THR D 76 20.29 14.54 32.91
CA THR D 76 21.65 14.09 32.68
C THR D 76 21.60 12.75 31.96
N ILE D 77 22.33 12.66 30.84
CA ILE D 77 22.54 11.38 30.18
C ILE D 77 24.00 11.01 30.46
N THR D 78 24.19 9.97 31.28
CA THR D 78 25.50 9.53 31.74
C THR D 78 25.91 8.34 30.88
N GLY D 79 26.82 8.59 29.93
CA GLY D 79 27.28 7.57 28.98
C GLY D 79 26.35 7.53 27.79
N ALA D 80 26.28 8.66 27.06
CA ALA D 80 25.30 8.79 25.98
C ALA D 80 25.53 7.74 24.91
N GLN D 81 24.43 7.29 24.29
CA GLN D 81 24.42 6.25 23.28
C GLN D 81 23.96 6.85 21.95
N THR D 82 24.38 6.24 20.84
CA THR D 82 24.04 6.84 19.56
CA THR D 82 24.05 6.84 19.55
C THR D 82 22.54 6.96 19.38
N GLU D 83 21.77 6.04 19.95
CA GLU D 83 20.32 6.05 19.84
C GLU D 83 19.68 7.19 20.64
N ASP D 84 20.45 7.93 21.42
CA ASP D 84 19.90 9.06 22.17
C ASP D 84 19.84 10.34 21.34
N GLU D 85 20.36 10.34 20.10
CA GLU D 85 20.18 11.49 19.22
C GLU D 85 18.69 11.63 18.92
N ALA D 86 18.13 12.74 19.35
CA ALA D 86 16.67 12.93 19.43
C ALA D 86 16.41 14.33 19.96
N ILE D 87 15.14 14.72 20.06
CA ILE D 87 14.73 15.98 20.64
C ILE D 87 14.23 15.70 22.05
N TYR D 88 14.55 16.58 23.01
CA TYR D 88 14.18 16.39 24.42
C TYR D 88 13.39 17.60 24.88
N PHE D 89 12.14 17.37 25.31
CA PHE D 89 11.30 18.40 25.85
C PHE D 89 11.19 18.28 27.36
N CYS D 90 11.22 19.41 28.04
CA CYS D 90 10.91 19.44 29.46
CA CYS D 90 10.93 19.47 29.46
C CYS D 90 9.54 20.06 29.64
N ALA D 91 8.90 19.71 30.75
CA ALA D 91 7.60 20.24 31.11
C ALA D 91 7.61 20.50 32.62
N LEU D 92 7.11 21.66 33.05
CA LEU D 92 7.00 22.02 34.45
C LEU D 92 5.54 22.21 34.83
N TRP D 93 5.23 21.81 36.07
CA TRP D 93 3.89 21.84 36.64
C TRP D 93 3.75 23.08 37.51
N TYR D 94 2.72 23.88 37.24
CA TYR D 94 2.44 25.13 37.97
C TYR D 94 1.04 25.02 38.59
N SER D 95 0.93 24.23 39.65
CA SER D 95 -0.27 24.08 40.47
C SER D 95 -1.44 23.39 39.79
N ASN D 96 -1.72 23.76 38.55
CA ASN D 96 -2.88 23.17 37.88
C ASN D 96 -2.71 23.05 36.38
N HIS D 97 -1.50 23.19 35.84
CA HIS D 97 -1.28 22.98 34.43
C HIS D 97 0.21 22.76 34.18
N TRP D 98 0.52 22.19 33.02
CA TRP D 98 1.89 21.96 32.58
C TRP D 98 2.26 23.01 31.55
N VAL D 99 3.54 23.45 31.54
CA VAL D 99 4.10 24.27 30.46
C VAL D 99 5.30 23.55 29.90
N PHE D 100 5.36 23.45 28.59
CA PHE D 100 6.45 22.75 27.91
C PHE D 100 7.49 23.76 27.46
N GLY D 101 8.76 23.38 27.59
CA GLY D 101 9.81 24.13 26.91
C GLY D 101 9.82 23.88 25.41
N GLY D 102 10.74 24.59 24.73
CA GLY D 102 10.85 24.50 23.30
C GLY D 102 11.58 23.30 22.76
N GLY D 103 12.21 22.52 23.61
CA GLY D 103 12.91 21.31 23.18
C GLY D 103 14.37 21.59 22.86
N THR D 104 15.18 20.55 23.10
CA THR D 104 16.64 20.54 22.80
C THR D 104 16.90 19.45 21.77
N LYS D 105 17.48 19.83 20.63
CA LYS D 105 17.95 18.84 19.69
C LYS D 105 19.30 18.36 20.16
N LEU D 106 19.41 17.09 20.51
CA LEU D 106 20.67 16.51 20.97
C LEU D 106 21.27 15.73 19.83
N THR D 107 22.52 16.08 19.46
CA THR D 107 23.33 15.28 18.57
C THR D 107 24.26 14.40 19.39
N VAL D 108 24.30 13.10 19.07
CA VAL D 108 25.25 12.16 19.68
C VAL D 108 26.11 11.62 18.52
N LEU D 109 27.37 12.02 18.50
CA LEU D 109 28.19 11.82 17.30
C LEU D 109 28.58 10.35 17.16
N GLY D 110 27.64 9.55 16.64
CA GLY D 110 27.77 8.11 16.61
C GLY D 110 28.06 7.50 15.27
N GLN D 111 28.31 8.31 14.27
CA GLN D 111 28.70 7.87 12.93
C GLN D 111 29.69 8.90 12.46
N PRO D 112 30.47 8.59 11.43
CA PRO D 112 31.40 9.58 10.89
C PRO D 112 30.65 10.75 10.26
N LYS D 113 31.20 11.93 10.48
CA LYS D 113 30.66 13.12 9.85
C LYS D 113 30.87 13.05 8.35
N ALA D 114 29.94 13.66 7.65
CA ALA D 114 30.03 13.73 6.19
C ALA D 114 29.34 15.00 5.73
N ALA D 115 30.02 15.70 4.83
CA ALA D 115 29.41 16.80 4.08
C ALA D 115 28.40 16.24 3.09
N PRO D 116 27.40 17.04 2.72
CA PRO D 116 26.36 16.52 1.84
C PRO D 116 26.82 16.35 0.41
N SER D 117 26.16 15.40 -0.26
CA SER D 117 26.11 15.33 -1.71
C SER D 117 24.88 16.10 -2.16
N VAL D 118 25.05 17.07 -3.05
CA VAL D 118 23.98 17.98 -3.48
C VAL D 118 23.70 17.71 -4.94
N THR D 119 22.40 17.54 -5.27
CA THR D 119 21.96 17.37 -6.65
C THR D 119 20.90 18.42 -6.90
N LEU D 120 21.09 19.23 -7.96
CA LEU D 120 20.18 20.34 -8.25
C LEU D 120 19.52 20.10 -9.59
N PHE D 121 18.19 19.94 -9.56
CA PHE D 121 17.46 19.70 -10.80
C PHE D 121 16.83 21.00 -11.26
N PRO D 122 16.98 21.35 -12.54
CA PRO D 122 16.25 22.48 -13.07
C PRO D 122 14.80 22.10 -13.29
N PRO D 123 13.95 23.07 -13.59
CA PRO D 123 12.56 22.73 -13.94
C PRO D 123 12.53 21.79 -15.13
N SER D 124 11.60 20.83 -15.09
CA SER D 124 11.40 19.94 -16.23
C SER D 124 10.68 20.69 -17.34
N SER D 125 10.92 20.29 -18.59
CA SER D 125 10.15 20.88 -19.68
CA SER D 125 10.16 20.87 -19.69
C SER D 125 8.65 20.66 -19.46
N GLU D 126 8.26 19.49 -18.90
CA GLU D 126 6.84 19.27 -18.68
CA GLU D 126 6.83 19.27 -18.69
C GLU D 126 6.24 20.31 -17.74
N GLU D 127 6.95 20.60 -16.65
CA GLU D 127 6.44 21.59 -15.71
C GLU D 127 6.37 22.97 -16.35
N LEU D 128 7.40 23.33 -17.11
CA LEU D 128 7.40 24.62 -17.78
C LEU D 128 6.20 24.73 -18.72
N GLN D 129 5.78 23.62 -19.31
CA GLN D 129 4.62 23.66 -20.19
C GLN D 129 3.34 23.86 -19.39
N ALA D 130 3.33 23.44 -18.12
CA ALA D 130 2.24 23.74 -17.20
C ALA D 130 2.40 25.11 -16.58
N ASN D 131 3.29 25.92 -17.15
CA ASN D 131 3.46 27.32 -16.78
C ASN D 131 4.00 27.50 -15.37
N LYS D 132 4.87 26.59 -14.93
CA LYS D 132 5.52 26.75 -13.64
C LYS D 132 6.98 26.34 -13.78
N ALA D 133 7.78 26.62 -12.75
CA ALA D 133 9.20 26.33 -12.81
C ALA D 133 9.72 26.13 -11.39
N THR D 134 9.98 24.89 -11.00
CA THR D 134 10.50 24.57 -9.66
C THR D 134 11.92 24.04 -9.79
N LEU D 135 12.86 24.68 -9.10
CA LEU D 135 14.20 24.14 -8.91
C LEU D 135 14.19 23.24 -7.67
N VAL D 136 14.78 22.05 -7.78
CA VAL D 136 14.77 21.08 -6.69
C VAL D 136 16.19 20.81 -6.26
N CYS D 137 16.52 21.13 -4.99
CA CYS D 137 17.88 20.93 -4.48
C CYS D 137 17.81 19.82 -3.43
N LEU D 138 18.37 18.67 -3.78
CA LEU D 138 18.32 17.49 -2.93
C LEU D 138 19.67 17.33 -2.26
N ILE D 139 19.66 17.21 -0.94
CA ILE D 139 20.83 17.31 -0.10
C ILE D 139 20.90 15.99 0.66
N SER D 140 21.90 15.16 0.36
CA SER D 140 21.89 13.77 0.80
C SER D 140 23.14 13.40 1.59
N ASP D 141 22.98 12.36 2.43
CA ASP D 141 24.11 11.61 2.96
C ASP D 141 25.03 12.44 3.84
N PHE D 142 24.44 13.30 4.68
CA PHE D 142 25.24 14.14 5.54
C PHE D 142 25.00 13.84 7.02
N TYR D 143 26.02 14.20 7.82
CA TYR D 143 26.01 14.02 9.27
C TYR D 143 27.02 14.99 9.86
N PRO D 144 26.67 15.73 10.93
CA PRO D 144 25.39 15.72 11.65
C PRO D 144 24.26 16.37 10.88
N GLY D 145 23.09 16.38 11.50
CA GLY D 145 21.86 16.65 10.75
C GLY D 145 21.40 18.09 10.78
N ALA D 146 22.31 19.02 10.55
CA ALA D 146 21.97 20.43 10.51
C ALA D 146 22.60 21.05 9.27
N VAL D 147 21.79 21.72 8.46
CA VAL D 147 22.32 22.47 7.34
C VAL D 147 21.58 23.79 7.23
N THR D 148 22.19 24.69 6.48
CA THR D 148 21.67 25.98 6.07
C THR D 148 21.65 25.96 4.54
N VAL D 149 20.55 26.43 3.94
CA VAL D 149 20.43 26.48 2.49
C VAL D 149 20.18 27.91 2.09
N ALA D 150 20.97 28.41 1.15
CA ALA D 150 20.75 29.71 0.54
C ALA D 150 20.71 29.56 -0.98
N TRP D 151 19.83 30.31 -1.61
CA TRP D 151 19.69 30.29 -3.05
C TRP D 151 20.19 31.60 -3.63
N LYS D 152 20.71 31.52 -4.87
CA LYS D 152 21.18 32.67 -5.59
C LYS D 152 20.58 32.67 -6.98
N ALA D 153 20.16 33.85 -7.43
CA ALA D 153 19.79 34.08 -8.83
C ALA D 153 20.92 34.92 -9.41
N ASP D 154 21.66 34.35 -10.36
CA ASP D 154 22.96 34.88 -10.78
C ASP D 154 23.79 34.93 -9.50
N SER D 155 24.26 36.09 -9.06
CA SER D 155 24.98 36.20 -7.79
C SER D 155 24.16 36.94 -6.74
N SER D 156 22.86 37.04 -6.94
CA SER D 156 21.99 37.81 -6.05
C SER D 156 21.21 36.86 -5.14
N PRO D 157 21.25 37.04 -3.82
CA PRO D 157 20.48 36.15 -2.95
C PRO D 157 18.98 36.21 -3.21
N VAL D 158 18.33 35.05 -3.12
CA VAL D 158 16.90 34.93 -3.34
C VAL D 158 16.15 35.06 -2.01
N LYS D 159 15.20 35.99 -1.95
CA LYS D 159 14.47 36.29 -0.72
C LYS D 159 13.03 35.77 -0.73
N ALA D 160 12.60 35.07 -1.78
CA ALA D 160 11.23 34.59 -1.87
C ALA D 160 11.17 33.30 -2.69
N GLY D 161 10.14 32.53 -2.43
CA GLY D 161 9.88 31.34 -3.20
C GLY D 161 10.57 30.10 -2.71
N VAL D 162 11.24 30.16 -1.56
CA VAL D 162 12.04 29.05 -1.04
C VAL D 162 11.31 28.34 0.08
N GLU D 163 11.26 27.00 0.01
CA GLU D 163 10.84 26.15 1.11
C GLU D 163 11.88 25.05 1.26
N THR D 164 12.22 24.75 2.51
CA THR D 164 13.26 23.79 2.85
C THR D 164 12.79 22.88 3.96
N THR D 165 12.99 21.58 3.79
CA THR D 165 12.57 20.63 4.80
C THR D 165 13.64 20.49 5.89
N THR D 166 13.16 20.17 7.11
CA THR D 166 14.06 19.82 8.19
C THR D 166 14.70 18.48 7.90
N PRO D 167 16.03 18.35 8.12
CA PRO D 167 16.69 17.08 7.83
C PRO D 167 16.04 15.91 8.55
N SER D 168 16.01 14.78 7.87
CA SER D 168 15.61 13.53 8.50
C SER D 168 16.46 12.40 7.95
N LYS D 169 16.37 11.26 8.64
CA LYS D 169 17.23 10.12 8.38
C LYS D 169 16.88 9.39 7.09
N GLN D 170 17.93 9.01 6.36
CA GLN D 170 17.84 8.08 5.25
C GLN D 170 17.85 6.65 5.76
N SER D 171 17.65 5.72 4.83
CA SER D 171 17.72 4.30 5.14
C SER D 171 19.09 3.88 5.66
N ASN D 172 20.15 4.60 5.28
CA ASN D 172 21.49 4.28 5.78
C ASN D 172 21.85 5.07 7.03
N ASN D 173 20.88 5.73 7.65
CA ASN D 173 21.02 6.45 8.89
C ASN D 173 21.82 7.75 8.82
N LYS D 174 22.28 8.18 7.65
CA LYS D 174 22.70 9.58 7.50
C LYS D 174 21.47 10.44 7.24
N TYR D 175 21.67 11.78 7.26
CA TYR D 175 20.56 12.68 7.06
C TYR D 175 20.43 13.13 5.58
N ALA D 176 19.22 13.56 5.24
CA ALA D 176 18.92 14.17 3.93
C ALA D 176 17.94 15.31 4.16
N ALA D 177 17.99 16.30 3.28
CA ALA D 177 17.03 17.40 3.30
C ALA D 177 16.76 17.83 1.85
N SER D 178 15.70 18.62 1.66
CA SER D 178 15.35 19.13 0.33
C SER D 178 15.02 20.62 0.42
N SER D 179 15.28 21.32 -0.67
CA SER D 179 14.92 22.73 -0.77
C SER D 179 14.40 23.00 -2.16
N TYR D 180 13.39 23.85 -2.23
CA TYR D 180 12.68 24.16 -3.47
C TYR D 180 12.69 25.66 -3.71
N LEU D 181 12.91 26.05 -4.96
CA LEU D 181 12.79 27.43 -5.37
C LEU D 181 11.71 27.46 -6.45
N SER D 182 10.58 28.08 -6.13
CA SER D 182 9.37 28.07 -6.95
C SER D 182 9.32 29.38 -7.72
N LEU D 183 9.42 29.29 -9.06
CA LEU D 183 9.56 30.44 -9.94
C LEU D 183 8.47 30.39 -11.02
N THR D 184 8.23 31.53 -11.67
CA THR D 184 7.51 31.51 -12.94
C THR D 184 8.47 31.16 -14.05
N PRO D 185 7.96 30.62 -15.17
CA PRO D 185 8.85 30.43 -16.32
C PRO D 185 9.61 31.70 -16.71
N GLU D 186 8.96 32.85 -16.63
CA GLU D 186 9.60 34.10 -17.01
C GLU D 186 10.73 34.45 -16.06
N GLN D 187 10.54 34.21 -14.75
CA GLN D 187 11.59 34.41 -13.78
C GLN D 187 12.74 33.46 -14.04
N TRP D 188 12.43 32.16 -14.22
CA TRP D 188 13.46 31.17 -14.52
C TRP D 188 14.32 31.62 -15.69
N LYS D 189 13.70 32.10 -16.76
CA LYS D 189 14.46 32.40 -17.97
C LYS D 189 15.14 33.77 -17.92
N SER D 190 14.89 34.56 -16.89
CA SER D 190 15.40 35.92 -16.83
C SER D 190 16.80 36.05 -16.23
N HIS D 191 17.38 34.95 -15.73
CA HIS D 191 18.72 34.97 -15.16
C HIS D 191 19.61 34.00 -15.91
N ARG D 192 20.93 34.23 -15.84
CA ARG D 192 21.84 33.32 -16.53
C ARG D 192 22.07 32.04 -15.72
N SER D 193 21.94 32.09 -14.39
CA SER D 193 22.08 30.84 -13.62
C SER D 193 21.38 30.99 -12.28
N TYR D 194 21.08 29.85 -11.68
CA TYR D 194 20.64 29.77 -10.29
C TYR D 194 21.54 28.81 -9.53
N SER D 195 21.74 29.10 -8.23
CA SER D 195 22.59 28.26 -7.39
C SER D 195 21.87 27.89 -6.09
N CYS D 196 22.07 26.65 -5.69
CA CYS D 196 21.70 26.15 -4.38
C CYS D 196 22.99 25.98 -3.59
N GLN D 197 23.10 26.71 -2.47
CA GLN D 197 24.30 26.72 -1.65
C GLN D 197 23.96 26.13 -0.29
N VAL D 198 24.61 25.03 0.08
CA VAL D 198 24.30 24.29 1.30
C VAL D 198 25.49 24.42 2.24
N THR D 199 25.24 24.97 3.42
CA THR D 199 26.29 25.13 4.42
C THR D 199 26.13 24.04 5.48
N HIS D 200 27.20 23.30 5.70
CA HIS D 200 27.22 22.20 6.66
C HIS D 200 28.51 22.29 7.45
N GLU D 201 28.39 22.35 8.78
CA GLU D 201 29.56 22.43 9.67
C GLU D 201 30.60 23.41 9.12
N GLY D 202 30.11 24.58 8.71
CA GLY D 202 30.96 25.67 8.25
C GLY D 202 31.46 25.61 6.83
N SER D 203 31.28 24.51 6.12
CA SER D 203 31.71 24.41 4.73
C SER D 203 30.48 24.50 3.85
N THR D 204 30.63 25.10 2.67
CA THR D 204 29.52 25.24 1.75
C THR D 204 29.75 24.38 0.52
N VAL D 205 28.67 23.75 0.04
CA VAL D 205 28.64 22.98 -1.19
C VAL D 205 27.64 23.71 -2.08
N GLU D 206 28.02 23.97 -3.32
CA GLU D 206 27.17 24.74 -4.21
C GLU D 206 27.02 24.02 -5.54
N LYS D 207 25.79 24.03 -6.07
CA LYS D 207 25.49 23.51 -7.38
C LYS D 207 24.70 24.58 -8.12
N THR D 208 24.84 24.60 -9.44
CA THR D 208 24.37 25.67 -10.32
C THR D 208 23.72 25.06 -11.54
N VAL D 209 22.58 25.62 -11.95
CA VAL D 209 21.91 25.24 -13.18
C VAL D 209 21.61 26.51 -13.97
N ALA D 210 21.50 26.36 -15.29
CA ALA D 210 21.25 27.44 -16.24
C ALA D 210 20.09 27.10 -17.16
N PRO D 211 19.22 28.07 -17.45
CA PRO D 211 18.09 27.80 -18.35
C PRO D 211 18.53 27.35 -19.74
N THR D 212 19.76 27.67 -20.14
CA THR D 212 20.28 27.28 -21.44
C THR D 212 20.93 25.90 -21.50
N PRO E 4 -22.53 -11.28 16.72
CA PRO E 4 -22.32 -12.72 16.54
C PRO E 4 -21.42 -13.26 17.61
N VAL E 5 -21.62 -14.50 18.03
CA VAL E 5 -20.73 -15.17 18.96
C VAL E 5 -20.59 -16.62 18.53
N LEU E 6 -19.57 -17.25 19.06
CA LEU E 6 -19.42 -18.68 18.87
C LEU E 6 -20.25 -19.42 19.91
N ASP E 7 -20.88 -20.50 19.49
CA ASP E 7 -21.50 -21.42 20.42
C ASP E 7 -20.47 -22.47 20.81
N GLU E 8 -20.92 -23.48 21.54
CA GLU E 8 -20.06 -24.51 22.09
C GLU E 8 -19.40 -25.37 21.01
N ASN E 9 -19.98 -25.44 19.81
CA ASN E 9 -19.38 -26.18 18.71
C ASN E 9 -18.70 -25.26 17.70
N GLY E 10 -18.40 -24.02 18.10
CA GLY E 10 -17.68 -23.09 17.27
C GLY E 10 -18.47 -22.49 16.13
N LEU E 11 -19.79 -22.62 16.15
CA LEU E 11 -20.62 -22.08 15.08
C LEU E 11 -21.27 -20.77 15.55
N PHE E 12 -21.74 -20.00 14.59
CA PHE E 12 -22.17 -18.64 14.90
C PHE E 12 -23.56 -18.65 15.52
N ALA E 13 -23.73 -17.75 16.47
CA ALA E 13 -25.01 -17.55 17.16
C ALA E 13 -25.10 -16.10 17.59
N PRO E 14 -26.32 -15.58 17.79
CA PRO E 14 -26.46 -14.19 18.25
C PRO E 14 -26.06 -13.99 19.71
N PRO F 2 -11.17 24.33 43.00
CA PRO F 2 -10.65 23.04 43.45
C PRO F 2 -9.26 22.86 42.87
N ILE F 3 -8.25 22.74 43.71
CA ILE F 3 -6.87 22.60 43.24
C ILE F 3 -6.67 21.13 42.91
N PRO F 4 -6.04 20.76 41.79
CA PRO F 4 -5.76 19.34 41.56
C PRO F 4 -4.83 18.80 42.64
N VAL F 5 -5.17 17.63 43.17
CA VAL F 5 -4.34 16.94 44.15
C VAL F 5 -4.28 15.48 43.73
N LEU F 6 -3.29 14.78 44.24
CA LEU F 6 -3.14 13.36 43.95
C LEU F 6 -3.99 12.55 44.93
N ASP F 7 -4.59 11.47 44.44
CA ASP F 7 -5.22 10.50 45.32
C ASP F 7 -4.28 9.31 45.58
N GLU F 8 -4.84 8.25 46.18
CA GLU F 8 -4.06 7.09 46.58
C GLU F 8 -3.31 6.49 45.41
N ASN F 9 -3.92 6.51 44.23
CA ASN F 9 -3.37 5.85 43.06
C ASN F 9 -2.58 6.81 42.17
N GLY F 10 -2.20 7.98 42.70
CA GLY F 10 -1.42 8.95 41.97
C GLY F 10 -2.19 9.73 40.94
N LEU F 11 -3.52 9.73 41.01
CA LEU F 11 -4.36 10.32 40.00
C LEU F 11 -5.01 11.59 40.52
N PHE F 12 -5.48 12.40 39.60
CA PHE F 12 -5.94 13.74 39.96
C PHE F 12 -7.35 13.68 40.54
N ALA F 13 -7.55 14.50 41.58
CA ALA F 13 -8.78 14.56 42.34
C ALA F 13 -8.95 15.98 42.85
N PRO F 14 -10.18 16.43 43.09
CA PRO F 14 -10.38 17.81 43.54
C PRO F 14 -9.90 17.98 44.98
N GLY F 15 -9.05 18.98 45.19
CA GLY F 15 -8.53 19.28 46.52
C GLY F 15 -9.25 20.44 47.17
N PRO F 16 -9.16 20.55 48.50
CA PRO F 16 -9.79 21.67 49.21
C PRO F 16 -8.92 22.93 49.23
#